data_5IU5
# 
_entry.id   5IU5 
# 
_audit_conform.dict_name       mmcif_pdbx.dic 
_audit_conform.dict_version    5.391 
_audit_conform.dict_location   http://mmcif.pdb.org/dictionaries/ascii/mmcif_pdbx.dic 
# 
loop_
_database_2.database_id 
_database_2.database_code 
_database_2.pdbx_database_accession 
_database_2.pdbx_DOI 
PDB   5IU5         pdb_00005iu5 10.2210/pdb5iu5/pdb 
WWPDB D_1000219429 ?            ?                   
# 
loop_
_pdbx_audit_revision_history.ordinal 
_pdbx_audit_revision_history.data_content_type 
_pdbx_audit_revision_history.major_revision 
_pdbx_audit_revision_history.minor_revision 
_pdbx_audit_revision_history.revision_date 
1 'Structure model' 1 0 2017-06-21 
2 'Structure model' 1 1 2017-08-30 
3 'Structure model' 1 2 2024-05-08 
# 
_pdbx_audit_revision_details.ordinal             1 
_pdbx_audit_revision_details.revision_ordinal    1 
_pdbx_audit_revision_details.data_content_type   'Structure model' 
_pdbx_audit_revision_details.provider            repository 
_pdbx_audit_revision_details.type                'Initial release' 
_pdbx_audit_revision_details.description         ? 
_pdbx_audit_revision_details.details             ? 
# 
loop_
_pdbx_audit_revision_group.ordinal 
_pdbx_audit_revision_group.revision_ordinal 
_pdbx_audit_revision_group.data_content_type 
_pdbx_audit_revision_group.group 
1 2 'Structure model' 'Author supporting evidence' 
2 3 'Structure model' 'Data collection'            
3 3 'Structure model' 'Database references'        
4 3 'Structure model' 'Derived calculations'       
# 
loop_
_pdbx_audit_revision_category.ordinal 
_pdbx_audit_revision_category.revision_ordinal 
_pdbx_audit_revision_category.data_content_type 
_pdbx_audit_revision_category.category 
1 2 'Structure model' pdbx_audit_support     
2 3 'Structure model' chem_comp_atom         
3 3 'Structure model' chem_comp_bond         
4 3 'Structure model' database_2             
5 3 'Structure model' pdbx_struct_conn_angle 
6 3 'Structure model' struct_conn            
# 
loop_
_pdbx_audit_revision_item.ordinal 
_pdbx_audit_revision_item.revision_ordinal 
_pdbx_audit_revision_item.data_content_type 
_pdbx_audit_revision_item.item 
1  2 'Structure model' '_pdbx_audit_support.funding_organization'  
2  3 'Structure model' '_database_2.pdbx_DOI'                      
3  3 'Structure model' '_database_2.pdbx_database_accession'       
4  3 'Structure model' '_pdbx_struct_conn_angle.ptnr1_auth_seq_id' 
5  3 'Structure model' '_pdbx_struct_conn_angle.ptnr1_symmetry'    
6  3 'Structure model' '_pdbx_struct_conn_angle.ptnr3_auth_seq_id' 
7  3 'Structure model' '_pdbx_struct_conn_angle.ptnr3_symmetry'    
8  3 'Structure model' '_pdbx_struct_conn_angle.value'             
9  3 'Structure model' '_struct_conn.pdbx_dist_value'              
10 3 'Structure model' '_struct_conn.ptnr2_auth_seq_id'            
11 3 'Structure model' '_struct_conn.ptnr2_symmetry'               
# 
_pdbx_database_status.status_code                     REL 
_pdbx_database_status.status_code_sf                  REL 
_pdbx_database_status.status_code_mr                  ? 
_pdbx_database_status.entry_id                        5IU5 
_pdbx_database_status.recvd_initial_deposition_date   2016-03-17 
_pdbx_database_status.SG_entry                        N 
_pdbx_database_status.deposit_site                    RCSB 
_pdbx_database_status.process_site                    PDBE 
_pdbx_database_status.status_code_cs                  ? 
_pdbx_database_status.methods_development_category    ? 
_pdbx_database_status.pdb_format_compatible           Y 
_pdbx_database_status.status_code_nmr_data            ? 
# 
loop_
_audit_author.name 
_audit_author.pdbx_ordinal 
'Hall, J.P.'   1 
'Cardin, C.J.' 2 
# 
_citation.abstract                  ? 
_citation.abstract_id_CAS           ? 
_citation.book_id_ISBN              ? 
_citation.book_publisher            ? 
_citation.book_publisher_city       ? 
_citation.book_title                ? 
_citation.coordinate_linkage        ? 
_citation.country                   ? 
_citation.database_id_Medline       ? 
_citation.details                   ? 
_citation.id                        primary 
_citation.journal_abbrev            'To Be Published' 
_citation.journal_id_ASTM           ? 
_citation.journal_id_CSD            0353 
_citation.journal_id_ISSN           ? 
_citation.journal_full              ? 
_citation.journal_issue             ? 
_citation.journal_volume            ? 
_citation.language                  ? 
_citation.page_first                ? 
_citation.page_last                 ? 
_citation.title                     
'Unexpected enhancement of sensitised photo-oxidation by a Ru(II) complex on replacement of guanine with inosine in DNA' 
_citation.year                      ? 
_citation.database_id_CSD           ? 
_citation.pdbx_database_id_DOI      ? 
_citation.pdbx_database_id_PubMed   ? 
_citation.unpublished_flag          ? 
# 
loop_
_citation_author.citation_id 
_citation_author.name 
_citation_author.ordinal 
_citation_author.identifier_ORCID 
primary 'Keane, P.M.'      1  ? 
primary 'Hall, J.P.'       2  ? 
primary 'Poynton, F.E.'    3  ? 
primary 'Gurung, S.P.'     4  ? 
primary 'Clark, I.P.'      5  ? 
primary 'Sazanovich, I.V.' 6  ? 
primary 'Towrie, M.'       7  ? 
primary 'Gunnlaugsson, T.' 8  ? 
primary 'Brazier, J.A.'    9  ? 
primary 'Quinn, S.J.'      10 ? 
primary 'Cardin, C.J.'     11 ? 
primary 'Kelly, J.M.'      12 ? 
# 
loop_
_entity.id 
_entity.type 
_entity.src_method 
_entity.pdbx_description 
_entity.formula_weight 
_entity.pdbx_number_of_molecules 
_entity.pdbx_ec 
_entity.pdbx_mutation 
_entity.pdbx_fragment 
_entity.details 
1 polymer     syn 
;DNA (5'-D(*TP*CP*GP*GP*CP*IP*CP*CP*GP*A)-3')
;
3030.979 1  ? ? ? ? 
2 non-polymer syn 'BARIUM ION'                                   137.327  1  ? ? ? ? 
3 non-polymer syn 'Ru(tap)2(dppz) complex'                       747.732  1  ? ? ? ? 
4 water       nat water                                          18.015   12 ? ? ? ? 
# 
_entity_poly.entity_id                      1 
_entity_poly.type                           polydeoxyribonucleotide 
_entity_poly.nstd_linkage                   no 
_entity_poly.nstd_monomer                   no 
_entity_poly.pdbx_seq_one_letter_code       '(DT)(DC)(DG)(DG)(DC)(DI)(DC)(DC)(DG)(DA)' 
_entity_poly.pdbx_seq_one_letter_code_can   TCGGCICCGA 
_entity_poly.pdbx_strand_id                 C 
_entity_poly.pdbx_target_identifier         ? 
# 
loop_
_pdbx_entity_nonpoly.entity_id 
_pdbx_entity_nonpoly.name 
_pdbx_entity_nonpoly.comp_id 
2 'BARIUM ION'             BA  
3 'Ru(tap)2(dppz) complex' RKL 
4 water                    HOH 
# 
loop_
_entity_poly_seq.entity_id 
_entity_poly_seq.num 
_entity_poly_seq.mon_id 
_entity_poly_seq.hetero 
1 1  DT n 
1 2  DC n 
1 3  DG n 
1 4  DG n 
1 5  DC n 
1 6  DI n 
1 7  DC n 
1 8  DC n 
1 9  DG n 
1 10 DA n 
# 
_pdbx_entity_src_syn.entity_id              1 
_pdbx_entity_src_syn.pdbx_src_id            1 
_pdbx_entity_src_syn.pdbx_alt_source_flag   sample 
_pdbx_entity_src_syn.pdbx_beg_seq_num       1 
_pdbx_entity_src_syn.pdbx_end_seq_num       10 
_pdbx_entity_src_syn.organism_scientific    'synthetic construct' 
_pdbx_entity_src_syn.organism_common_name   ? 
_pdbx_entity_src_syn.ncbi_taxonomy_id       32630 
_pdbx_entity_src_syn.details                ? 
# 
loop_
_chem_comp.id 
_chem_comp.type 
_chem_comp.mon_nstd_flag 
_chem_comp.name 
_chem_comp.pdbx_synonyms 
_chem_comp.formula 
_chem_comp.formula_weight 
BA  non-polymer   . 'BARIUM ION'                         ? 'Ba 2'             137.327 
DA  'DNA linking' y "2'-DEOXYADENOSINE-5'-MONOPHOSPHATE" ? 'C10 H14 N5 O6 P'  331.222 
DC  'DNA linking' y "2'-DEOXYCYTIDINE-5'-MONOPHOSPHATE"  ? 'C9 H14 N3 O7 P'   307.197 
DG  'DNA linking' y "2'-DEOXYGUANOSINE-5'-MONOPHOSPHATE" ? 'C10 H14 N5 O7 P'  347.221 
DI  'DNA linking' y "2'-DEOXYINOSINE-5'-MONOPHOSPHATE"   ? 'C10 H13 N4 O7 P'  332.207 
DT  'DNA linking' y "THYMIDINE-5'-MONOPHOSPHATE"         ? 'C10 H15 N2 O8 P'  322.208 
HOH non-polymer   . WATER                                ? 'H2 O'             18.015  
RKL non-polymer   . 'Ru(tap)2(dppz) complex'             ? 'C38 H22 N12 Ru 2' 747.732 
# 
loop_
_pdbx_poly_seq_scheme.asym_id 
_pdbx_poly_seq_scheme.entity_id 
_pdbx_poly_seq_scheme.seq_id 
_pdbx_poly_seq_scheme.mon_id 
_pdbx_poly_seq_scheme.ndb_seq_num 
_pdbx_poly_seq_scheme.pdb_seq_num 
_pdbx_poly_seq_scheme.auth_seq_num 
_pdbx_poly_seq_scheme.pdb_mon_id 
_pdbx_poly_seq_scheme.auth_mon_id 
_pdbx_poly_seq_scheme.pdb_strand_id 
_pdbx_poly_seq_scheme.pdb_ins_code 
_pdbx_poly_seq_scheme.hetero 
A 1 1  DT 1  1  1  DT DT C . n 
A 1 2  DC 2  2  2  DC DC C . n 
A 1 3  DG 3  3  3  DG DG C . n 
A 1 4  DG 4  4  4  DG DG C . n 
A 1 5  DC 5  5  5  DC DC C . n 
A 1 6  DI 6  6  6  DI DI C . n 
A 1 7  DC 7  7  7  DC DC C . n 
A 1 8  DC 8  8  8  DC DC C . n 
A 1 9  DG 9  9  9  DG DG C . n 
A 1 10 DA 10 10 10 DA DA C . n 
# 
loop_
_pdbx_nonpoly_scheme.asym_id 
_pdbx_nonpoly_scheme.entity_id 
_pdbx_nonpoly_scheme.mon_id 
_pdbx_nonpoly_scheme.ndb_seq_num 
_pdbx_nonpoly_scheme.pdb_seq_num 
_pdbx_nonpoly_scheme.auth_seq_num 
_pdbx_nonpoly_scheme.pdb_mon_id 
_pdbx_nonpoly_scheme.auth_mon_id 
_pdbx_nonpoly_scheme.pdb_strand_id 
_pdbx_nonpoly_scheme.pdb_ins_code 
B 2 BA  1  101 1  BA  BA  C . 
C 3 RKL 1  102 11 RKL RKL C . 
D 4 HOH 1  201 17 HOH HOH C . 
D 4 HOH 2  202 11 HOH HOH C . 
D 4 HOH 3  203 21 HOH HOH C . 
D 4 HOH 4  204 19 HOH HOH C . 
D 4 HOH 5  205 23 HOH HOH C . 
D 4 HOH 6  206 14 HOH HOH C . 
D 4 HOH 7  207 1  HOH HOH C . 
D 4 HOH 8  208 24 HOH HOH C . 
D 4 HOH 9  209 20 HOH HOH C . 
D 4 HOH 10 210 6  HOH HOH C . 
D 4 HOH 11 211 7  HOH HOH C . 
D 4 HOH 12 212 25 HOH HOH C . 
# 
loop_
_software.citation_id 
_software.classification 
_software.compiler_name 
_software.compiler_version 
_software.contact_author 
_software.contact_author_email 
_software.date 
_software.description 
_software.dependencies 
_software.hardware 
_software.language 
_software.location 
_software.mods 
_software.name 
_software.os 
_software.os_version 
_software.type 
_software.version 
_software.pdbx_ordinal 
? refinement       ? ? ? ? ? ? ? ? ? ? ? PHENIX  ? ? ? '(1.10.1_2155: ???)' 1 
? 'data reduction' ? ? ? ? ? ? ? ? ? ? ? XDS     ? ? ? .                    2 
? 'data scaling'   ? ? ? ? ? ? ? ? ? ? ? XSCALE  ? ? ? .                    3 
? phasing          ? ? ? ? ? ? ? ? ? ? ? SHELXDE ? ? ? .                    4 
# 
_cell.entry_id           5IU5 
_cell.length_a           47.780 
_cell.length_b           47.780 
_cell.length_c           33.140 
_cell.angle_alpha        90.00 
_cell.angle_beta         90.00 
_cell.angle_gamma        90.00 
_cell.Z_PDB              8 
_cell.pdbx_unique_axis   ? 
# 
_symmetry.entry_id                         5IU5 
_symmetry.space_group_name_H-M             'P 43 21 2' 
_symmetry.pdbx_full_space_group_name_H-M   ? 
_symmetry.cell_setting                     ? 
_symmetry.Int_Tables_number                96 
# 
_exptl.absorpt_coefficient_mu     ? 
_exptl.absorpt_correction_T_max   ? 
_exptl.absorpt_correction_T_min   ? 
_exptl.absorpt_correction_type    ? 
_exptl.absorpt_process_details    ? 
_exptl.entry_id                   5IU5 
_exptl.crystals_number            1 
_exptl.details                    ? 
_exptl.method                     'X-RAY DIFFRACTION' 
_exptl.method_details             ? 
# 
_exptl_crystal.colour                      ? 
_exptl_crystal.density_diffrn              ? 
_exptl_crystal.density_Matthews            3.12 
_exptl_crystal.density_method              ? 
_exptl_crystal.density_percent_sol         60.58 
_exptl_crystal.description                 ? 
_exptl_crystal.F_000                       ? 
_exptl_crystal.id                          1 
_exptl_crystal.preparation                 ? 
_exptl_crystal.size_max                    ? 
_exptl_crystal.size_mid                    ? 
_exptl_crystal.size_min                    ? 
_exptl_crystal.size_rad                    ? 
_exptl_crystal.colour_lustre               ? 
_exptl_crystal.colour_modifier             ? 
_exptl_crystal.colour_primary              ? 
_exptl_crystal.density_meas                ? 
_exptl_crystal.density_meas_esd            ? 
_exptl_crystal.density_meas_gt             ? 
_exptl_crystal.density_meas_lt             ? 
_exptl_crystal.density_meas_temp           ? 
_exptl_crystal.density_meas_temp_esd       ? 
_exptl_crystal.density_meas_temp_gt        ? 
_exptl_crystal.density_meas_temp_lt        ? 
_exptl_crystal.pdbx_crystal_image_url      ? 
_exptl_crystal.pdbx_crystal_image_format   ? 
_exptl_crystal.pdbx_mosaicity              ? 
_exptl_crystal.pdbx_mosaicity_esd          ? 
# 
_exptl_crystal_grow.apparatus       ? 
_exptl_crystal_grow.atmosphere      ? 
_exptl_crystal_grow.crystal_id      1 
_exptl_crystal_grow.details         ? 
_exptl_crystal_grow.method          'VAPOR DIFFUSION, SITTING DROP' 
_exptl_crystal_grow.method_ref      ? 
_exptl_crystal_grow.pH              ? 
_exptl_crystal_grow.pressure        ? 
_exptl_crystal_grow.pressure_esd    ? 
_exptl_crystal_grow.seeding         ? 
_exptl_crystal_grow.seeding_ref     ? 
_exptl_crystal_grow.temp            291 
_exptl_crystal_grow.temp_details    ? 
_exptl_crystal_grow.temp_esd        ? 
_exptl_crystal_grow.time            ? 
_exptl_crystal_grow.pdbx_details    
;1uL 2mM d(TCGGCICCGA)
1uL 4mM rac-RuTAP2dppz
6uL of a solution containing 20mM BaCl2, 80mM KCl, 40mM Na-cacodylate pH 7, 12mM spermine, 10% (V/V) hexylene glycol
;
_exptl_crystal_grow.pdbx_pH_range   ? 
# 
_diffrn.ambient_environment    ? 
_diffrn.ambient_temp           100 
_diffrn.ambient_temp_details   ? 
_diffrn.ambient_temp_esd       ? 
_diffrn.crystal_id             1 
_diffrn.crystal_support        ? 
_diffrn.crystal_treatment      ? 
_diffrn.details                ? 
_diffrn.id                     1 
_diffrn.ambient_pressure       ? 
_diffrn.ambient_pressure_esd   ? 
_diffrn.ambient_pressure_gt    ? 
_diffrn.ambient_pressure_lt    ? 
_diffrn.ambient_temp_gt        ? 
_diffrn.ambient_temp_lt        ? 
# 
_diffrn_detector.details                      ? 
_diffrn_detector.detector                     PIXEL 
_diffrn_detector.diffrn_id                    1 
_diffrn_detector.type                         'DECTRIS PILATUS 6M-F' 
_diffrn_detector.area_resol_mean              ? 
_diffrn_detector.dtime                        ? 
_diffrn_detector.pdbx_frames_total            ? 
_diffrn_detector.pdbx_collection_time_total   ? 
_diffrn_detector.pdbx_collection_date         2014-10-16 
# 
_diffrn_radiation.collimation                      ? 
_diffrn_radiation.diffrn_id                        1 
_diffrn_radiation.filter_edge                      ? 
_diffrn_radiation.inhomogeneity                    ? 
_diffrn_radiation.monochromator                    ? 
_diffrn_radiation.polarisn_norm                    ? 
_diffrn_radiation.polarisn_ratio                   ? 
_diffrn_radiation.probe                            ? 
_diffrn_radiation.type                             ? 
_diffrn_radiation.xray_symbol                      ? 
_diffrn_radiation.wavelength_id                    1 
_diffrn_radiation.pdbx_monochromatic_or_laue_m_l   M 
_diffrn_radiation.pdbx_wavelength_list             ? 
_diffrn_radiation.pdbx_wavelength                  ? 
_diffrn_radiation.pdbx_diffrn_protocol             'SINGLE WAVELENGTH' 
_diffrn_radiation.pdbx_analyzer                    ? 
_diffrn_radiation.pdbx_scattering_type             x-ray 
# 
_diffrn_radiation_wavelength.id           1 
_diffrn_radiation_wavelength.wavelength   0.9795 
_diffrn_radiation_wavelength.wt           1.0 
# 
_diffrn_source.current                     ? 
_diffrn_source.details                     ? 
_diffrn_source.diffrn_id                   1 
_diffrn_source.power                       ? 
_diffrn_source.size                        ? 
_diffrn_source.source                      SYNCHROTRON 
_diffrn_source.target                      ? 
_diffrn_source.type                        'DIAMOND BEAMLINE I02' 
_diffrn_source.voltage                     ? 
_diffrn_source.take-off_angle              ? 
_diffrn_source.pdbx_wavelength_list        0.9795 
_diffrn_source.pdbx_wavelength             ? 
_diffrn_source.pdbx_synchrotron_beamline   I02 
_diffrn_source.pdbx_synchrotron_site       Diamond 
# 
_reflns.B_iso_Wilson_estimate            ? 
_reflns.entry_id                         5IU5 
_reflns.data_reduction_details           ? 
_reflns.data_reduction_method            ? 
_reflns.d_resolution_high                1.9 
_reflns.d_resolution_low                 47.78 
_reflns.details                          ? 
_reflns.limit_h_max                      ? 
_reflns.limit_h_min                      ? 
_reflns.limit_k_max                      ? 
_reflns.limit_k_min                      ? 
_reflns.limit_l_max                      ? 
_reflns.limit_l_min                      ? 
_reflns.number_all                       ? 
_reflns.number_obs                       3067 
_reflns.observed_criterion               ? 
_reflns.observed_criterion_F_max         ? 
_reflns.observed_criterion_F_min         ? 
_reflns.observed_criterion_I_max         ? 
_reflns.observed_criterion_I_min         ? 
_reflns.observed_criterion_sigma_F       ? 
_reflns.observed_criterion_sigma_I       ? 
_reflns.percent_possible_obs             93.9 
_reflns.R_free_details                   ? 
_reflns.Rmerge_F_all                     ? 
_reflns.Rmerge_F_obs                     ? 
_reflns.Friedel_coverage                 ? 
_reflns.number_gt                        ? 
_reflns.threshold_expression             ? 
_reflns.pdbx_redundancy                  6.4 
_reflns.pdbx_Rmerge_I_obs                0.034 
_reflns.pdbx_Rmerge_I_all                ? 
_reflns.pdbx_Rsym_value                  ? 
_reflns.pdbx_netI_over_av_sigmaI         ? 
_reflns.pdbx_netI_over_sigmaI            21.9 
_reflns.pdbx_res_netI_over_av_sigmaI_2   ? 
_reflns.pdbx_res_netI_over_sigmaI_2      ? 
_reflns.pdbx_chi_squared                 ? 
_reflns.pdbx_scaling_rejects             ? 
_reflns.pdbx_d_res_high_opt              ? 
_reflns.pdbx_d_res_low_opt               ? 
_reflns.pdbx_d_res_opt_method            ? 
_reflns.phase_calculation_details        ? 
_reflns.pdbx_Rrim_I_all                  ? 
_reflns.pdbx_Rpim_I_all                  ? 
_reflns.pdbx_d_opt                       ? 
_reflns.pdbx_number_measured_all         ? 
_reflns.pdbx_diffrn_id                   1 
_reflns.pdbx_ordinal                     1 
_reflns.pdbx_CC_half                     0.998 
_reflns.pdbx_R_split                     ? 
# 
_reflns_shell.d_res_high                  1.90 
_reflns_shell.d_res_low                   1.95 
_reflns_shell.meanI_over_sigI_all         ? 
_reflns_shell.meanI_over_sigI_obs         1.6 
_reflns_shell.number_measured_all         ? 
_reflns_shell.number_measured_obs         ? 
_reflns_shell.number_possible             ? 
_reflns_shell.number_unique_all           ? 
_reflns_shell.number_unique_obs           ? 
_reflns_shell.percent_possible_all        93.1 
_reflns_shell.percent_possible_obs        ? 
_reflns_shell.Rmerge_F_all                ? 
_reflns_shell.Rmerge_F_obs                ? 
_reflns_shell.Rmerge_I_all                ? 
_reflns_shell.Rmerge_I_obs                0.985 
_reflns_shell.meanI_over_sigI_gt          ? 
_reflns_shell.meanI_over_uI_all           ? 
_reflns_shell.meanI_over_uI_gt            ? 
_reflns_shell.number_measured_gt          ? 
_reflns_shell.number_unique_gt            ? 
_reflns_shell.percent_possible_gt         ? 
_reflns_shell.Rmerge_F_gt                 ? 
_reflns_shell.Rmerge_I_gt                 ? 
_reflns_shell.pdbx_redundancy             6.2 
_reflns_shell.pdbx_Rsym_value             ? 
_reflns_shell.pdbx_chi_squared            ? 
_reflns_shell.pdbx_netI_over_sigmaI_all   ? 
_reflns_shell.pdbx_netI_over_sigmaI_obs   ? 
_reflns_shell.pdbx_Rrim_I_all             ? 
_reflns_shell.pdbx_Rpim_I_all             ? 
_reflns_shell.pdbx_rejects                ? 
_reflns_shell.pdbx_ordinal                1 
_reflns_shell.pdbx_diffrn_id              1 
_reflns_shell.pdbx_CC_half                ? 
_reflns_shell.pdbx_R_split                ? 
# 
_refine.pdbx_refine_id                           'X-RAY DIFFRACTION' 
_refine.entry_id                                 5IU5 
_refine.pdbx_diffrn_id                           1 
_refine.pdbx_TLS_residual_ADP_flag               ? 
_refine.ls_number_reflns_obs                     3046 
_refine.ls_number_reflns_all                     ? 
_refine.pdbx_ls_sigma_I                          ? 
_refine.pdbx_ls_sigma_F                          1.34 
_refine.pdbx_data_cutoff_high_absF               ? 
_refine.pdbx_data_cutoff_low_absF                ? 
_refine.pdbx_data_cutoff_high_rms_absF           ? 
_refine.ls_d_res_low                             33.786 
_refine.ls_d_res_high                            1.900 
_refine.ls_percent_reflns_obs                    91.67 
_refine.ls_R_factor_obs                          0.1996 
_refine.ls_R_factor_all                          ? 
_refine.ls_R_factor_R_work                       0.1989 
_refine.ls_R_factor_R_free                       0.2100 
_refine.ls_R_factor_R_free_error                 ? 
_refine.ls_R_factor_R_free_error_details         ? 
_refine.ls_percent_reflns_R_free                 4.67 
_refine.ls_number_reflns_R_free                  248 
_refine.ls_number_parameters                     ? 
_refine.ls_number_restraints                     ? 
_refine.occupancy_min                            ? 
_refine.occupancy_max                            ? 
_refine.correlation_coeff_Fo_to_Fc               ? 
_refine.correlation_coeff_Fo_to_Fc_free          ? 
_refine.B_iso_mean                               ? 
_refine.aniso_B[1][1]                            ? 
_refine.aniso_B[2][2]                            ? 
_refine.aniso_B[3][3]                            ? 
_refine.aniso_B[1][2]                            ? 
_refine.aniso_B[1][3]                            ? 
_refine.aniso_B[2][3]                            ? 
_refine.solvent_model_details                    'FLAT BULK SOLVENT MODEL' 
_refine.solvent_model_param_ksol                 ? 
_refine.solvent_model_param_bsol                 ? 
_refine.pdbx_solvent_vdw_probe_radii             1.11 
_refine.pdbx_solvent_ion_probe_radii             ? 
_refine.pdbx_solvent_shrinkage_radii             0.90 
_refine.pdbx_ls_cross_valid_method               'FREE R-VALUE' 
_refine.details                                  ? 
_refine.pdbx_starting_model                      ? 
_refine.pdbx_method_to_determine_struct          SAD 
_refine.pdbx_isotropic_thermal_model             ? 
_refine.pdbx_stereochemistry_target_values       ML 
_refine.pdbx_stereochem_target_val_spec_case     ? 
_refine.pdbx_R_Free_selection_details            ? 
_refine.pdbx_overall_ESU_R                       ? 
_refine.pdbx_overall_ESU_R_Free                  ? 
_refine.overall_SU_ML                            0.14 
_refine.pdbx_overall_phase_error                 23.79 
_refine.overall_SU_B                             ? 
_refine.overall_SU_R_Cruickshank_DPI             ? 
_refine.pdbx_overall_SU_R_free_Cruickshank_DPI   ? 
_refine.pdbx_overall_SU_R_Blow_DPI               ? 
_refine.pdbx_overall_SU_R_free_Blow_DPI          ? 
# 
_refine_hist.pdbx_refine_id                   'X-RAY DIFFRACTION' 
_refine_hist.cycle_id                         LAST 
_refine_hist.pdbx_number_atoms_protein        0 
_refine_hist.pdbx_number_atoms_nucleic_acid   201 
_refine_hist.pdbx_number_atoms_ligand         52 
_refine_hist.number_atoms_solvent             12 
_refine_hist.number_atoms_total               265 
_refine_hist.d_res_high                       1.900 
_refine_hist.d_res_low                        33.786 
# 
loop_
_refine_ls_restr.type 
_refine_ls_restr.dev_ideal 
_refine_ls_restr.dev_ideal_target 
_refine_ls_restr.weight 
_refine_ls_restr.number 
_refine_ls_restr.pdbx_refine_id 
_refine_ls_restr.pdbx_restraint_function 
f_bond_d           0.004  ? ? 289 'X-RAY DIFFRACTION' ? 
f_angle_d          2.046  ? ? 454 'X-RAY DIFFRACTION' ? 
f_dihedral_angle_d 24.256 ? ? 97  'X-RAY DIFFRACTION' ? 
f_chiral_restr     0.042  ? ? 38  'X-RAY DIFFRACTION' ? 
f_plane_restr      0.003  ? ? 13  'X-RAY DIFFRACTION' ? 
# 
loop_
_refine_ls_shell.pdbx_refine_id 
_refine_ls_shell.pdbx_total_number_of_bins_used 
_refine_ls_shell.d_res_high 
_refine_ls_shell.d_res_low 
_refine_ls_shell.number_reflns_R_work 
_refine_ls_shell.R_factor_R_work 
_refine_ls_shell.percent_reflns_obs 
_refine_ls_shell.R_factor_R_free 
_refine_ls_shell.R_factor_R_free_error 
_refine_ls_shell.percent_reflns_R_free 
_refine_ls_shell.number_reflns_R_free 
_refine_ls_shell.number_reflns_all 
_refine_ls_shell.R_factor_all 
_refine_ls_shell.R_factor_obs 
_refine_ls_shell.number_reflns_obs 
'X-RAY DIFFRACTION' . 1.9000 2.3937  2542 0.2812 92.00 0.3183 . . 128 . . . . 
'X-RAY DIFFRACTION' . 2.3937 33.7909 2517 0.1859 91.00 0.1962 . . 120 . . . . 
# 
_struct.entry_id                     5IU5 
_struct.title                        'Lambda-[Ru(TAP)2(dppz)]2+ bound to d(TCGGCICCGA)2' 
_struct.pdbx_model_details           ? 
_struct.pdbx_formula_weight          ? 
_struct.pdbx_formula_weight_method   ? 
_struct.pdbx_model_type_details      ? 
_struct.pdbx_CASP_flag               ? 
# 
_struct_keywords.entry_id        5IU5 
_struct_keywords.text            'DNA, ruthenium, intercalation, photooxidising' 
_struct_keywords.pdbx_keywords   DNA 
# 
loop_
_struct_asym.id 
_struct_asym.pdbx_blank_PDB_chainid_flag 
_struct_asym.pdbx_modified 
_struct_asym.entity_id 
_struct_asym.details 
A N N 1 ? 
B N N 2 ? 
C N N 3 ? 
D N N 4 ? 
# 
_struct_ref.id                         1 
_struct_ref.db_name                    PDB 
_struct_ref.db_code                    5IU5 
_struct_ref.pdbx_db_accession          5IU5 
_struct_ref.pdbx_db_isoform            ? 
_struct_ref.entity_id                  1 
_struct_ref.pdbx_seq_one_letter_code   ? 
_struct_ref.pdbx_align_begin           1 
# 
_struct_ref_seq.align_id                      1 
_struct_ref_seq.ref_id                        1 
_struct_ref_seq.pdbx_PDB_id_code              5IU5 
_struct_ref_seq.pdbx_strand_id                C 
_struct_ref_seq.seq_align_beg                 1 
_struct_ref_seq.pdbx_seq_align_beg_ins_code   ? 
_struct_ref_seq.seq_align_end                 10 
_struct_ref_seq.pdbx_seq_align_end_ins_code   ? 
_struct_ref_seq.pdbx_db_accession             5IU5 
_struct_ref_seq.db_align_beg                  1 
_struct_ref_seq.pdbx_db_align_beg_ins_code    ? 
_struct_ref_seq.db_align_end                  10 
_struct_ref_seq.pdbx_db_align_end_ins_code    ? 
_struct_ref_seq.pdbx_auth_seq_align_beg       1 
_struct_ref_seq.pdbx_auth_seq_align_end       10 
# 
_pdbx_struct_assembly.id                   1 
_pdbx_struct_assembly.details              author_and_software_defined_assembly 
_pdbx_struct_assembly.method_details       PISA 
_pdbx_struct_assembly.oligomeric_details   dimeric 
_pdbx_struct_assembly.oligomeric_count     2 
# 
loop_
_pdbx_struct_assembly_prop.biol_id 
_pdbx_struct_assembly_prop.type 
_pdbx_struct_assembly_prop.value 
_pdbx_struct_assembly_prop.details 
1 'ABSA (A^2)' 1960 ? 
1 MORE         -18  ? 
1 'SSA (A^2)'  4590 ? 
# 
_pdbx_struct_assembly_gen.assembly_id       1 
_pdbx_struct_assembly_gen.oper_expression   1,2 
_pdbx_struct_assembly_gen.asym_id_list      A,B,C,D 
# 
loop_
_pdbx_struct_oper_list.id 
_pdbx_struct_oper_list.type 
_pdbx_struct_oper_list.name 
_pdbx_struct_oper_list.symmetry_operation 
_pdbx_struct_oper_list.matrix[1][1] 
_pdbx_struct_oper_list.matrix[1][2] 
_pdbx_struct_oper_list.matrix[1][3] 
_pdbx_struct_oper_list.vector[1] 
_pdbx_struct_oper_list.matrix[2][1] 
_pdbx_struct_oper_list.matrix[2][2] 
_pdbx_struct_oper_list.matrix[2][3] 
_pdbx_struct_oper_list.vector[2] 
_pdbx_struct_oper_list.matrix[3][1] 
_pdbx_struct_oper_list.matrix[3][2] 
_pdbx_struct_oper_list.matrix[3][3] 
_pdbx_struct_oper_list.vector[3] 
1 'identity operation'         1_555 x,y,z  1.0000000000  0.0000000000 0.0000000000 0.0000000000  0.0000000000 1.0000000000  0.0000000000 0.0000000000 0.0000000000 0.0000000000 1.0000000000 0.0000000000 
2 'crystal symmetry operation' 7_555 y,x,-z -0.1926067150 0.3076423772 0.9318040680 -1.8497956018 0.3076423772 -0.8827785244 0.3550468203 2.7167663751 0.9318040680 0.3550468203 0.0753852394 0.7058566323 
# 
loop_
_struct_conn.id 
_struct_conn.conn_type_id 
_struct_conn.pdbx_leaving_atom_flag 
_struct_conn.pdbx_PDB_id 
_struct_conn.ptnr1_label_asym_id 
_struct_conn.ptnr1_label_comp_id 
_struct_conn.ptnr1_label_seq_id 
_struct_conn.ptnr1_label_atom_id 
_struct_conn.pdbx_ptnr1_label_alt_id 
_struct_conn.pdbx_ptnr1_PDB_ins_code 
_struct_conn.pdbx_ptnr1_standard_comp_id 
_struct_conn.ptnr1_symmetry 
_struct_conn.ptnr2_label_asym_id 
_struct_conn.ptnr2_label_comp_id 
_struct_conn.ptnr2_label_seq_id 
_struct_conn.ptnr2_label_atom_id 
_struct_conn.pdbx_ptnr2_label_alt_id 
_struct_conn.pdbx_ptnr2_PDB_ins_code 
_struct_conn.ptnr1_auth_asym_id 
_struct_conn.ptnr1_auth_comp_id 
_struct_conn.ptnr1_auth_seq_id 
_struct_conn.ptnr2_auth_asym_id 
_struct_conn.ptnr2_auth_comp_id 
_struct_conn.ptnr2_auth_seq_id 
_struct_conn.ptnr2_symmetry 
_struct_conn.pdbx_ptnr3_label_atom_id 
_struct_conn.pdbx_ptnr3_label_seq_id 
_struct_conn.pdbx_ptnr3_label_comp_id 
_struct_conn.pdbx_ptnr3_label_asym_id 
_struct_conn.pdbx_ptnr3_label_alt_id 
_struct_conn.pdbx_ptnr3_PDB_ins_code 
_struct_conn.details 
_struct_conn.pdbx_dist_value 
_struct_conn.pdbx_value_order 
_struct_conn.pdbx_role 
metalc1  metalc ? ? A DG 4  O6 ? ? ? 1_555 B BA  .  BA ? ? C DG 4   C BA  101 1_555 ? ? ? ? ? ? ?            2.819 ? ? 
metalc2  metalc ? ? B BA .  BA ? ? ? 1_555 D HOH .  O  ? ? C BA 101 C HOH 203 1_555 ? ? ? ? ? ? ?            2.759 ? ? 
metalc3  metalc ? ? B BA .  BA ? ? ? 1_555 D HOH .  O  ? ? C BA 101 C HOH 205 1_555 ? ? ? ? ? ? ?            2.881 ? ? 
metalc4  metalc ? ? B BA .  BA ? ? ? 1_555 D HOH .  O  ? ? C BA 101 C HOH 208 7_555 ? ? ? ? ? ? ?            2.743 ? ? 
metalc5  metalc ? ? B BA .  BA ? ? ? 1_555 D HOH .  O  ? ? C BA 101 C HOH 212 1_555 ? ? ? ? ? ? ?            2.797 ? ? 
hydrog1  hydrog ? ? A DT 1  N3 ? ? ? 1_555 A DA  10 N1 ? ? C DT 1   C DA  10  7_555 ? ? ? ? ? ? WATSON-CRICK ?     ? ? 
hydrog2  hydrog ? ? A DT 1  O4 ? ? ? 1_555 A DA  10 N6 ? ? C DT 1   C DA  10  7_555 ? ? ? ? ? ? WATSON-CRICK ?     ? ? 
hydrog3  hydrog ? ? A DC 2  N3 ? ? ? 1_555 A DG  9  N1 ? ? C DC 2   C DG  9   7_555 ? ? ? ? ? ? WATSON-CRICK ?     ? ? 
hydrog4  hydrog ? ? A DC 2  N4 ? ? ? 1_555 A DG  9  O6 ? ? C DC 2   C DG  9   7_555 ? ? ? ? ? ? WATSON-CRICK ?     ? ? 
hydrog5  hydrog ? ? A DC 2  O2 ? ? ? 1_555 A DG  9  N2 ? ? C DC 2   C DG  9   7_555 ? ? ? ? ? ? WATSON-CRICK ?     ? ? 
hydrog6  hydrog ? ? A DG 3  N1 ? ? ? 1_555 A DC  8  N3 ? ? C DG 3   C DC  8   7_555 ? ? ? ? ? ? WATSON-CRICK ?     ? ? 
hydrog7  hydrog ? ? A DG 3  N2 ? ? ? 1_555 A DC  8  O2 ? ? C DG 3   C DC  8   7_555 ? ? ? ? ? ? WATSON-CRICK ?     ? ? 
hydrog8  hydrog ? ? A DG 3  O6 ? ? ? 1_555 A DC  8  N4 ? ? C DG 3   C DC  8   7_555 ? ? ? ? ? ? WATSON-CRICK ?     ? ? 
hydrog9  hydrog ? ? A DG 4  N1 ? ? ? 1_555 A DC  7  N3 ? ? C DG 4   C DC  7   7_555 ? ? ? ? ? ? WATSON-CRICK ?     ? ? 
hydrog10 hydrog ? ? A DG 4  N2 ? ? ? 1_555 A DC  7  O2 ? ? C DG 4   C DC  7   7_555 ? ? ? ? ? ? WATSON-CRICK ?     ? ? 
hydrog11 hydrog ? ? A DG 4  O6 ? ? ? 1_555 A DC  7  N4 ? ? C DG 4   C DC  7   7_555 ? ? ? ? ? ? WATSON-CRICK ?     ? ? 
hydrog12 hydrog ? ? A DC 5  N3 ? ? ? 1_555 A DI  6  N1 ? ? C DC 5   C DI  6   7_555 ? ? ? ? ? ? TYPE_29_PAIR ?     ? ? 
hydrog13 hydrog ? ? A DC 5  N4 ? ? ? 1_555 A DI  6  O6 ? ? C DC 5   C DI  6   7_555 ? ? ? ? ? ? TYPE_29_PAIR ?     ? ? 
hydrog14 hydrog ? ? A DI 6  N1 ? ? ? 1_555 A DC  5  N3 ? ? C DI 6   C DC  5   7_555 ? ? ? ? ? ? TYPE_29_PAIR ?     ? ? 
hydrog15 hydrog ? ? A DI 6  O6 ? ? ? 1_555 A DC  5  N4 ? ? C DI 6   C DC  5   7_555 ? ? ? ? ? ? TYPE_29_PAIR ?     ? ? 
hydrog16 hydrog ? ? A DC 7  N3 ? ? ? 1_555 A DG  4  N1 ? ? C DC 7   C DG  4   7_555 ? ? ? ? ? ? WATSON-CRICK ?     ? ? 
hydrog17 hydrog ? ? A DC 7  N4 ? ? ? 1_555 A DG  4  O6 ? ? C DC 7   C DG  4   7_555 ? ? ? ? ? ? WATSON-CRICK ?     ? ? 
hydrog18 hydrog ? ? A DC 7  O2 ? ? ? 1_555 A DG  4  N2 ? ? C DC 7   C DG  4   7_555 ? ? ? ? ? ? WATSON-CRICK ?     ? ? 
hydrog19 hydrog ? ? A DC 8  N3 ? ? ? 1_555 A DG  3  N1 ? ? C DC 8   C DG  3   7_555 ? ? ? ? ? ? WATSON-CRICK ?     ? ? 
hydrog20 hydrog ? ? A DC 8  N4 ? ? ? 1_555 A DG  3  O6 ? ? C DC 8   C DG  3   7_555 ? ? ? ? ? ? WATSON-CRICK ?     ? ? 
hydrog21 hydrog ? ? A DC 8  O2 ? ? ? 1_555 A DG  3  N2 ? ? C DC 8   C DG  3   7_555 ? ? ? ? ? ? WATSON-CRICK ?     ? ? 
hydrog22 hydrog ? ? A DG 9  N1 ? ? ? 1_555 A DC  2  N3 ? ? C DG 9   C DC  2   7_555 ? ? ? ? ? ? WATSON-CRICK ?     ? ? 
hydrog23 hydrog ? ? A DG 9  N2 ? ? ? 1_555 A DC  2  O2 ? ? C DG 9   C DC  2   7_555 ? ? ? ? ? ? WATSON-CRICK ?     ? ? 
hydrog24 hydrog ? ? A DG 9  O6 ? ? ? 1_555 A DC  2  N4 ? ? C DG 9   C DC  2   7_555 ? ? ? ? ? ? WATSON-CRICK ?     ? ? 
hydrog25 hydrog ? ? A DA 10 N1 ? ? ? 1_555 A DT  1  N3 ? ? C DA 10  C DT  1   7_555 ? ? ? ? ? ? WATSON-CRICK ?     ? ? 
hydrog26 hydrog ? ? A DA 10 N6 ? ? ? 1_555 A DT  1  O4 ? ? C DA 10  C DT  1   7_555 ? ? ? ? ? ? WATSON-CRICK ?     ? ? 
# 
loop_
_struct_conn_type.id 
_struct_conn_type.criteria 
_struct_conn_type.reference 
metalc ? ? 
hydrog ? ? 
# 
loop_
_pdbx_struct_conn_angle.id 
_pdbx_struct_conn_angle.ptnr1_label_atom_id 
_pdbx_struct_conn_angle.ptnr1_label_alt_id 
_pdbx_struct_conn_angle.ptnr1_label_asym_id 
_pdbx_struct_conn_angle.ptnr1_label_comp_id 
_pdbx_struct_conn_angle.ptnr1_label_seq_id 
_pdbx_struct_conn_angle.ptnr1_auth_atom_id 
_pdbx_struct_conn_angle.ptnr1_auth_asym_id 
_pdbx_struct_conn_angle.ptnr1_auth_comp_id 
_pdbx_struct_conn_angle.ptnr1_auth_seq_id 
_pdbx_struct_conn_angle.ptnr1_PDB_ins_code 
_pdbx_struct_conn_angle.ptnr1_symmetry 
_pdbx_struct_conn_angle.ptnr2_label_atom_id 
_pdbx_struct_conn_angle.ptnr2_label_alt_id 
_pdbx_struct_conn_angle.ptnr2_label_asym_id 
_pdbx_struct_conn_angle.ptnr2_label_comp_id 
_pdbx_struct_conn_angle.ptnr2_label_seq_id 
_pdbx_struct_conn_angle.ptnr2_auth_atom_id 
_pdbx_struct_conn_angle.ptnr2_auth_asym_id 
_pdbx_struct_conn_angle.ptnr2_auth_comp_id 
_pdbx_struct_conn_angle.ptnr2_auth_seq_id 
_pdbx_struct_conn_angle.ptnr2_PDB_ins_code 
_pdbx_struct_conn_angle.ptnr2_symmetry 
_pdbx_struct_conn_angle.ptnr3_label_atom_id 
_pdbx_struct_conn_angle.ptnr3_label_alt_id 
_pdbx_struct_conn_angle.ptnr3_label_asym_id 
_pdbx_struct_conn_angle.ptnr3_label_comp_id 
_pdbx_struct_conn_angle.ptnr3_label_seq_id 
_pdbx_struct_conn_angle.ptnr3_auth_atom_id 
_pdbx_struct_conn_angle.ptnr3_auth_asym_id 
_pdbx_struct_conn_angle.ptnr3_auth_comp_id 
_pdbx_struct_conn_angle.ptnr3_auth_seq_id 
_pdbx_struct_conn_angle.ptnr3_PDB_ins_code 
_pdbx_struct_conn_angle.ptnr3_symmetry 
_pdbx_struct_conn_angle.value 
_pdbx_struct_conn_angle.value_esd 
1  O6 ? A DG  4 ? C DG  4   ? 1_555 BA ? B BA . ? C BA 101 ? 1_555 O ? D HOH . ? C HOH 203 ? 1_555 71.5  ? 
2  O6 ? A DG  4 ? C DG  4   ? 1_555 BA ? B BA . ? C BA 101 ? 1_555 O ? D HOH . ? C HOH 205 ? 1_555 126.8 ? 
3  O  ? D HOH . ? C HOH 203 ? 1_555 BA ? B BA . ? C BA 101 ? 1_555 O ? D HOH . ? C HOH 205 ? 1_555 143.6 ? 
4  O6 ? A DG  4 ? C DG  4   ? 1_555 BA ? B BA . ? C BA 101 ? 1_555 O ? D HOH . ? C HOH 208 ? 7_555 67.4  ? 
5  O  ? D HOH . ? C HOH 203 ? 1_555 BA ? B BA . ? C BA 101 ? 1_555 O ? D HOH . ? C HOH 208 ? 7_555 80.4  ? 
6  O  ? D HOH . ? C HOH 205 ? 1_555 BA ? B BA . ? C BA 101 ? 1_555 O ? D HOH . ? C HOH 208 ? 7_555 133.9 ? 
7  O6 ? A DG  4 ? C DG  4   ? 1_555 BA ? B BA . ? C BA 101 ? 1_555 O ? D HOH . ? C HOH 212 ? 1_555 131.1 ? 
8  O  ? D HOH . ? C HOH 203 ? 1_555 BA ? B BA . ? C BA 101 ? 1_555 O ? D HOH . ? C HOH 212 ? 1_555 97.9  ? 
9  O  ? D HOH . ? C HOH 205 ? 1_555 BA ? B BA . ? C BA 101 ? 1_555 O ? D HOH . ? C HOH 212 ? 1_555 90.4  ? 
10 O  ? D HOH . ? C HOH 208 ? 7_555 BA ? B BA . ? C BA 101 ? 1_555 O ? D HOH . ? C HOH 212 ? 1_555 63.8  ? 
# 
loop_
_struct_site.id 
_struct_site.pdbx_evidence_code 
_struct_site.pdbx_auth_asym_id 
_struct_site.pdbx_auth_comp_id 
_struct_site.pdbx_auth_seq_id 
_struct_site.pdbx_auth_ins_code 
_struct_site.pdbx_num_residues 
_struct_site.details 
AC1 Software C BA  101 ? 6  'binding site for residue BA C 101'  
AC2 Software C RKL 102 ? 10 'binding site for residue RKL C 102' 
# 
loop_
_struct_site_gen.id 
_struct_site_gen.site_id 
_struct_site_gen.pdbx_num_res 
_struct_site_gen.label_comp_id 
_struct_site_gen.label_asym_id 
_struct_site_gen.label_seq_id 
_struct_site_gen.pdbx_auth_ins_code 
_struct_site_gen.auth_comp_id 
_struct_site_gen.auth_asym_id 
_struct_site_gen.auth_seq_id 
_struct_site_gen.label_atom_id 
_struct_site_gen.label_alt_id 
_struct_site_gen.symmetry 
_struct_site_gen.details 
1  AC1 6  DG  A 3  ? DG  C 3   . ? 1_555 ? 
2  AC1 6  DG  A 4  ? DG  C 4   . ? 1_555 ? 
3  AC1 6  HOH D .  ? HOH C 203 . ? 1_555 ? 
4  AC1 6  HOH D .  ? HOH C 205 . ? 1_555 ? 
5  AC1 6  HOH D .  ? HOH C 208 . ? 7_555 ? 
6  AC1 6  HOH D .  ? HOH C 212 . ? 1_555 ? 
7  AC2 10 DT  A 1  ? DT  C 1   . ? 1_555 ? 
8  AC2 10 DC  A 2  ? DC  C 2   . ? 1_555 ? 
9  AC2 10 DG  A 3  ? DG  C 3   . ? 4_455 ? 
10 AC2 10 DG  A 3  ? DG  C 3   . ? 1_555 ? 
11 AC2 10 DG  A 4  ? DG  C 4   . ? 4_455 ? 
12 AC2 10 DC  A 7  ? DC  C 7   . ? 6_455 ? 
13 AC2 10 DC  A 8  ? DC  C 8   . ? 6_455 ? 
14 AC2 10 DG  A 9  ? DG  C 9   . ? 7_555 ? 
15 AC2 10 DA  A 10 ? DA  C 10  . ? 7_555 ? 
16 AC2 10 HOH D .  ? HOH C 206 . ? 1_555 ? 
# 
_pdbx_refine_tls.pdbx_refine_id   'X-RAY DIFFRACTION' 
_pdbx_refine_tls.id               1 
_pdbx_refine_tls.details          ? 
_pdbx_refine_tls.method           refined 
_pdbx_refine_tls.origin_x         0.5365 
_pdbx_refine_tls.origin_y         2.4507 
_pdbx_refine_tls.origin_z         -3.1150 
_pdbx_refine_tls.T[1][1]          0.5270 
_pdbx_refine_tls.T[2][2]          0.4379 
_pdbx_refine_tls.T[3][3]          0.4789 
_pdbx_refine_tls.T[1][2]          -0.0390 
_pdbx_refine_tls.T[1][3]          -0.0223 
_pdbx_refine_tls.T[2][3]          -0.0552 
_pdbx_refine_tls.L[1][1]          3.6024 
_pdbx_refine_tls.L[2][2]          10.4596 
_pdbx_refine_tls.L[3][3]          2.8519 
_pdbx_refine_tls.L[1][2]          0.0360 
_pdbx_refine_tls.L[1][3]          0.4316 
_pdbx_refine_tls.L[2][3]          -5.3921 
_pdbx_refine_tls.S[1][1]          -0.0884 
_pdbx_refine_tls.S[1][2]          0.0902 
_pdbx_refine_tls.S[1][3]          0.0747 
_pdbx_refine_tls.S[2][1]          0.0935 
_pdbx_refine_tls.S[2][2]          -0.1287 
_pdbx_refine_tls.S[2][3]          -0.2951 
_pdbx_refine_tls.S[3][1]          -0.2316 
_pdbx_refine_tls.S[3][2]          0.1729 
_pdbx_refine_tls.S[3][3]          -0.0885 
# 
_pdbx_refine_tls_group.pdbx_refine_id      'X-RAY DIFFRACTION' 
_pdbx_refine_tls_group.id                  1 
_pdbx_refine_tls_group.refine_tls_id       1 
_pdbx_refine_tls_group.beg_auth_asym_id    ? 
_pdbx_refine_tls_group.beg_auth_seq_id     ? 
_pdbx_refine_tls_group.beg_label_asym_id   ? 
_pdbx_refine_tls_group.beg_label_seq_id    ? 
_pdbx_refine_tls_group.end_auth_asym_id    ? 
_pdbx_refine_tls_group.end_auth_seq_id     ? 
_pdbx_refine_tls_group.end_label_asym_id   ? 
_pdbx_refine_tls_group.end_label_seq_id    ? 
_pdbx_refine_tls_group.selection           ? 
_pdbx_refine_tls_group.selection_details   'chain c' 
# 
loop_
_chem_comp_atom.comp_id 
_chem_comp_atom.atom_id 
_chem_comp_atom.type_symbol 
_chem_comp_atom.pdbx_aromatic_flag 
_chem_comp_atom.pdbx_stereo_config 
_chem_comp_atom.pdbx_ordinal 
BA  BA     BA N N 1   
DA  OP3    O  N N 2   
DA  P      P  N N 3   
DA  OP1    O  N N 4   
DA  OP2    O  N N 5   
DA  "O5'"  O  N N 6   
DA  "C5'"  C  N N 7   
DA  "C4'"  C  N R 8   
DA  "O4'"  O  N N 9   
DA  "C3'"  C  N S 10  
DA  "O3'"  O  N N 11  
DA  "C2'"  C  N N 12  
DA  "C1'"  C  N R 13  
DA  N9     N  Y N 14  
DA  C8     C  Y N 15  
DA  N7     N  Y N 16  
DA  C5     C  Y N 17  
DA  C6     C  Y N 18  
DA  N6     N  N N 19  
DA  N1     N  Y N 20  
DA  C2     C  Y N 21  
DA  N3     N  Y N 22  
DA  C4     C  Y N 23  
DA  HOP3   H  N N 24  
DA  HOP2   H  N N 25  
DA  "H5'"  H  N N 26  
DA  "H5''" H  N N 27  
DA  "H4'"  H  N N 28  
DA  "H3'"  H  N N 29  
DA  "HO3'" H  N N 30  
DA  "H2'"  H  N N 31  
DA  "H2''" H  N N 32  
DA  "H1'"  H  N N 33  
DA  H8     H  N N 34  
DA  H61    H  N N 35  
DA  H62    H  N N 36  
DA  H2     H  N N 37  
DC  OP3    O  N N 38  
DC  P      P  N N 39  
DC  OP1    O  N N 40  
DC  OP2    O  N N 41  
DC  "O5'"  O  N N 42  
DC  "C5'"  C  N N 43  
DC  "C4'"  C  N R 44  
DC  "O4'"  O  N N 45  
DC  "C3'"  C  N S 46  
DC  "O3'"  O  N N 47  
DC  "C2'"  C  N N 48  
DC  "C1'"  C  N R 49  
DC  N1     N  N N 50  
DC  C2     C  N N 51  
DC  O2     O  N N 52  
DC  N3     N  N N 53  
DC  C4     C  N N 54  
DC  N4     N  N N 55  
DC  C5     C  N N 56  
DC  C6     C  N N 57  
DC  HOP3   H  N N 58  
DC  HOP2   H  N N 59  
DC  "H5'"  H  N N 60  
DC  "H5''" H  N N 61  
DC  "H4'"  H  N N 62  
DC  "H3'"  H  N N 63  
DC  "HO3'" H  N N 64  
DC  "H2'"  H  N N 65  
DC  "H2''" H  N N 66  
DC  "H1'"  H  N N 67  
DC  H41    H  N N 68  
DC  H42    H  N N 69  
DC  H5     H  N N 70  
DC  H6     H  N N 71  
DG  OP3    O  N N 72  
DG  P      P  N N 73  
DG  OP1    O  N N 74  
DG  OP2    O  N N 75  
DG  "O5'"  O  N N 76  
DG  "C5'"  C  N N 77  
DG  "C4'"  C  N R 78  
DG  "O4'"  O  N N 79  
DG  "C3'"  C  N S 80  
DG  "O3'"  O  N N 81  
DG  "C2'"  C  N N 82  
DG  "C1'"  C  N R 83  
DG  N9     N  Y N 84  
DG  C8     C  Y N 85  
DG  N7     N  Y N 86  
DG  C5     C  Y N 87  
DG  C6     C  N N 88  
DG  O6     O  N N 89  
DG  N1     N  N N 90  
DG  C2     C  N N 91  
DG  N2     N  N N 92  
DG  N3     N  N N 93  
DG  C4     C  Y N 94  
DG  HOP3   H  N N 95  
DG  HOP2   H  N N 96  
DG  "H5'"  H  N N 97  
DG  "H5''" H  N N 98  
DG  "H4'"  H  N N 99  
DG  "H3'"  H  N N 100 
DG  "HO3'" H  N N 101 
DG  "H2'"  H  N N 102 
DG  "H2''" H  N N 103 
DG  "H1'"  H  N N 104 
DG  H8     H  N N 105 
DG  H1     H  N N 106 
DG  H21    H  N N 107 
DG  H22    H  N N 108 
DI  OP3    O  N N 109 
DI  P      P  N N 110 
DI  OP1    O  N N 111 
DI  OP2    O  N N 112 
DI  "O5'"  O  N N 113 
DI  "C5'"  C  N N 114 
DI  "C4'"  C  N R 115 
DI  "O4'"  O  N N 116 
DI  "C3'"  C  N S 117 
DI  "O3'"  O  N N 118 
DI  "C2'"  C  N N 119 
DI  "C1'"  C  N R 120 
DI  N9     N  Y N 121 
DI  C8     C  Y N 122 
DI  N7     N  Y N 123 
DI  C5     C  Y N 124 
DI  C6     C  N N 125 
DI  O6     O  N N 126 
DI  N1     N  N N 127 
DI  C2     C  N N 128 
DI  N3     N  N N 129 
DI  C4     C  Y N 130 
DI  HOP3   H  N N 131 
DI  HOP2   H  N N 132 
DI  "H5'"  H  N N 133 
DI  "H5''" H  N N 134 
DI  "H4'"  H  N N 135 
DI  "H3'"  H  N N 136 
DI  "HO3'" H  N N 137 
DI  "H2'"  H  N N 138 
DI  "H2''" H  N N 139 
DI  "H1'"  H  N N 140 
DI  H8     H  N N 141 
DI  H1     H  N N 142 
DI  H2     H  N N 143 
DT  OP3    O  N N 144 
DT  P      P  N N 145 
DT  OP1    O  N N 146 
DT  OP2    O  N N 147 
DT  "O5'"  O  N N 148 
DT  "C5'"  C  N N 149 
DT  "C4'"  C  N R 150 
DT  "O4'"  O  N N 151 
DT  "C3'"  C  N S 152 
DT  "O3'"  O  N N 153 
DT  "C2'"  C  N N 154 
DT  "C1'"  C  N R 155 
DT  N1     N  N N 156 
DT  C2     C  N N 157 
DT  O2     O  N N 158 
DT  N3     N  N N 159 
DT  C4     C  N N 160 
DT  O4     O  N N 161 
DT  C5     C  N N 162 
DT  C7     C  N N 163 
DT  C6     C  N N 164 
DT  HOP3   H  N N 165 
DT  HOP2   H  N N 166 
DT  "H5'"  H  N N 167 
DT  "H5''" H  N N 168 
DT  "H4'"  H  N N 169 
DT  "H3'"  H  N N 170 
DT  "HO3'" H  N N 171 
DT  "H2'"  H  N N 172 
DT  "H2''" H  N N 173 
DT  "H1'"  H  N N 174 
DT  H3     H  N N 175 
DT  H71    H  N N 176 
DT  H72    H  N N 177 
DT  H73    H  N N 178 
DT  H6     H  N N 179 
HOH O      O  N N 180 
HOH H1     H  N N 181 
HOH H2     H  N N 182 
RKL RU     RU N N 183 
RKL C1     C  Y N 184 
RKL N1     N  Y N 185 
RKL C2     C  Y N 186 
RKL N2     N  Y N 187 
RKL C3     C  Y N 188 
RKL N3     N  Y N 189 
RKL C4     C  Y N 190 
RKL N4     N  Y N 191 
RKL C5     C  Y N 192 
RKL N5     N  Y N 193 
RKL C6     C  Y N 194 
RKL N6     N  Y N 195 
RKL C7     C  Y N 196 
RKL N7     N  Y N 197 
RKL C8     C  Y N 198 
RKL N8     N  Y N 199 
RKL C9     C  Y N 200 
RKL N9     N  Y N 201 
RKL C10    C  Y N 202 
RKL N10    N  Y N 203 
RKL C11    C  Y N 204 
RKL N11    N  Y N 205 
RKL C12    C  Y N 206 
RKL N12    N  Y N 207 
RKL C13    C  Y N 208 
RKL C14    C  Y N 209 
RKL C15    C  Y N 210 
RKL C16    C  Y N 211 
RKL C17    C  Y N 212 
RKL C18    C  Y N 213 
RKL C19    C  Y N 214 
RKL C20    C  Y N 215 
RKL C21    C  Y N 216 
RKL C22    C  Y N 217 
RKL C23    C  Y N 218 
RKL C24    C  Y N 219 
RKL C25    C  Y N 220 
RKL C26    C  Y N 221 
RKL C27    C  Y N 222 
RKL C28    C  Y N 223 
RKL C29    C  Y N 224 
RKL C30    C  Y N 225 
RKL C31    C  Y N 226 
RKL C32    C  Y N 227 
RKL C33    C  Y N 228 
RKL C34    C  Y N 229 
RKL C35    C  Y N 230 
RKL C36    C  Y N 231 
RKL C37    C  Y N 232 
RKL C38    C  Y N 233 
RKL H2     H  N N 234 
RKL H3     H  N N 235 
RKL H4     H  N N 236 
RKL H9     H  N N 237 
RKL H11    H  N N 238 
RKL H12    H  N N 239 
RKL H14    H  N N 240 
RKL H16    H  N N 241 
RKL H17    H  N N 242 
RKL H18    H  N N 243 
RKL H20    H  N N 244 
RKL H21    H  N N 245 
RKL H23    H  N N 246 
RKL H24    H  N N 247 
RKL H27    H  N N 248 
RKL H28    H  N N 249 
RKL H30    H  N N 250 
RKL H31    H  N N 251 
RKL H33    H  N N 252 
RKL H34    H  N N 253 
RKL H37    H  N N 254 
RKL H38    H  N N 255 
# 
loop_
_chem_comp_bond.comp_id 
_chem_comp_bond.atom_id_1 
_chem_comp_bond.atom_id_2 
_chem_comp_bond.value_order 
_chem_comp_bond.pdbx_aromatic_flag 
_chem_comp_bond.pdbx_stereo_config 
_chem_comp_bond.pdbx_ordinal 
DA  OP3   P      sing N N 1   
DA  OP3   HOP3   sing N N 2   
DA  P     OP1    doub N N 3   
DA  P     OP2    sing N N 4   
DA  P     "O5'"  sing N N 5   
DA  OP2   HOP2   sing N N 6   
DA  "O5'" "C5'"  sing N N 7   
DA  "C5'" "C4'"  sing N N 8   
DA  "C5'" "H5'"  sing N N 9   
DA  "C5'" "H5''" sing N N 10  
DA  "C4'" "O4'"  sing N N 11  
DA  "C4'" "C3'"  sing N N 12  
DA  "C4'" "H4'"  sing N N 13  
DA  "O4'" "C1'"  sing N N 14  
DA  "C3'" "O3'"  sing N N 15  
DA  "C3'" "C2'"  sing N N 16  
DA  "C3'" "H3'"  sing N N 17  
DA  "O3'" "HO3'" sing N N 18  
DA  "C2'" "C1'"  sing N N 19  
DA  "C2'" "H2'"  sing N N 20  
DA  "C2'" "H2''" sing N N 21  
DA  "C1'" N9     sing N N 22  
DA  "C1'" "H1'"  sing N N 23  
DA  N9    C8     sing Y N 24  
DA  N9    C4     sing Y N 25  
DA  C8    N7     doub Y N 26  
DA  C8    H8     sing N N 27  
DA  N7    C5     sing Y N 28  
DA  C5    C6     sing Y N 29  
DA  C5    C4     doub Y N 30  
DA  C6    N6     sing N N 31  
DA  C6    N1     doub Y N 32  
DA  N6    H61    sing N N 33  
DA  N6    H62    sing N N 34  
DA  N1    C2     sing Y N 35  
DA  C2    N3     doub Y N 36  
DA  C2    H2     sing N N 37  
DA  N3    C4     sing Y N 38  
DC  OP3   P      sing N N 39  
DC  OP3   HOP3   sing N N 40  
DC  P     OP1    doub N N 41  
DC  P     OP2    sing N N 42  
DC  P     "O5'"  sing N N 43  
DC  OP2   HOP2   sing N N 44  
DC  "O5'" "C5'"  sing N N 45  
DC  "C5'" "C4'"  sing N N 46  
DC  "C5'" "H5'"  sing N N 47  
DC  "C5'" "H5''" sing N N 48  
DC  "C4'" "O4'"  sing N N 49  
DC  "C4'" "C3'"  sing N N 50  
DC  "C4'" "H4'"  sing N N 51  
DC  "O4'" "C1'"  sing N N 52  
DC  "C3'" "O3'"  sing N N 53  
DC  "C3'" "C2'"  sing N N 54  
DC  "C3'" "H3'"  sing N N 55  
DC  "O3'" "HO3'" sing N N 56  
DC  "C2'" "C1'"  sing N N 57  
DC  "C2'" "H2'"  sing N N 58  
DC  "C2'" "H2''" sing N N 59  
DC  "C1'" N1     sing N N 60  
DC  "C1'" "H1'"  sing N N 61  
DC  N1    C2     sing N N 62  
DC  N1    C6     sing N N 63  
DC  C2    O2     doub N N 64  
DC  C2    N3     sing N N 65  
DC  N3    C4     doub N N 66  
DC  C4    N4     sing N N 67  
DC  C4    C5     sing N N 68  
DC  N4    H41    sing N N 69  
DC  N4    H42    sing N N 70  
DC  C5    C6     doub N N 71  
DC  C5    H5     sing N N 72  
DC  C6    H6     sing N N 73  
DG  OP3   P      sing N N 74  
DG  OP3   HOP3   sing N N 75  
DG  P     OP1    doub N N 76  
DG  P     OP2    sing N N 77  
DG  P     "O5'"  sing N N 78  
DG  OP2   HOP2   sing N N 79  
DG  "O5'" "C5'"  sing N N 80  
DG  "C5'" "C4'"  sing N N 81  
DG  "C5'" "H5'"  sing N N 82  
DG  "C5'" "H5''" sing N N 83  
DG  "C4'" "O4'"  sing N N 84  
DG  "C4'" "C3'"  sing N N 85  
DG  "C4'" "H4'"  sing N N 86  
DG  "O4'" "C1'"  sing N N 87  
DG  "C3'" "O3'"  sing N N 88  
DG  "C3'" "C2'"  sing N N 89  
DG  "C3'" "H3'"  sing N N 90  
DG  "O3'" "HO3'" sing N N 91  
DG  "C2'" "C1'"  sing N N 92  
DG  "C2'" "H2'"  sing N N 93  
DG  "C2'" "H2''" sing N N 94  
DG  "C1'" N9     sing N N 95  
DG  "C1'" "H1'"  sing N N 96  
DG  N9    C8     sing Y N 97  
DG  N9    C4     sing Y N 98  
DG  C8    N7     doub Y N 99  
DG  C8    H8     sing N N 100 
DG  N7    C5     sing Y N 101 
DG  C5    C6     sing N N 102 
DG  C5    C4     doub Y N 103 
DG  C6    O6     doub N N 104 
DG  C6    N1     sing N N 105 
DG  N1    C2     sing N N 106 
DG  N1    H1     sing N N 107 
DG  C2    N2     sing N N 108 
DG  C2    N3     doub N N 109 
DG  N2    H21    sing N N 110 
DG  N2    H22    sing N N 111 
DG  N3    C4     sing N N 112 
DI  OP3   P      sing N N 113 
DI  OP3   HOP3   sing N N 114 
DI  P     OP1    doub N N 115 
DI  P     OP2    sing N N 116 
DI  P     "O5'"  sing N N 117 
DI  OP2   HOP2   sing N N 118 
DI  "O5'" "C5'"  sing N N 119 
DI  "C5'" "C4'"  sing N N 120 
DI  "C5'" "H5'"  sing N N 121 
DI  "C5'" "H5''" sing N N 122 
DI  "C4'" "O4'"  sing N N 123 
DI  "C4'" "C3'"  sing N N 124 
DI  "C4'" "H4'"  sing N N 125 
DI  "O4'" "C1'"  sing N N 126 
DI  "C3'" "O3'"  sing N N 127 
DI  "C3'" "C2'"  sing N N 128 
DI  "C3'" "H3'"  sing N N 129 
DI  "O3'" "HO3'" sing N N 130 
DI  "C2'" "C1'"  sing N N 131 
DI  "C2'" "H2'"  sing N N 132 
DI  "C2'" "H2''" sing N N 133 
DI  "C1'" N9     sing N N 134 
DI  "C1'" "H1'"  sing N N 135 
DI  N9    C8     sing Y N 136 
DI  N9    C4     sing Y N 137 
DI  C8    N7     doub Y N 138 
DI  C8    H8     sing N N 139 
DI  N7    C5     sing Y N 140 
DI  C5    C6     sing N N 141 
DI  C5    C4     doub Y N 142 
DI  C6    O6     doub N N 143 
DI  C6    N1     sing N N 144 
DI  N1    C2     sing N N 145 
DI  N1    H1     sing N N 146 
DI  C2    N3     doub N N 147 
DI  C2    H2     sing N N 148 
DI  N3    C4     sing N N 149 
DT  OP3   P      sing N N 150 
DT  OP3   HOP3   sing N N 151 
DT  P     OP1    doub N N 152 
DT  P     OP2    sing N N 153 
DT  P     "O5'"  sing N N 154 
DT  OP2   HOP2   sing N N 155 
DT  "O5'" "C5'"  sing N N 156 
DT  "C5'" "C4'"  sing N N 157 
DT  "C5'" "H5'"  sing N N 158 
DT  "C5'" "H5''" sing N N 159 
DT  "C4'" "O4'"  sing N N 160 
DT  "C4'" "C3'"  sing N N 161 
DT  "C4'" "H4'"  sing N N 162 
DT  "O4'" "C1'"  sing N N 163 
DT  "C3'" "O3'"  sing N N 164 
DT  "C3'" "C2'"  sing N N 165 
DT  "C3'" "H3'"  sing N N 166 
DT  "O3'" "HO3'" sing N N 167 
DT  "C2'" "C1'"  sing N N 168 
DT  "C2'" "H2'"  sing N N 169 
DT  "C2'" "H2''" sing N N 170 
DT  "C1'" N1     sing N N 171 
DT  "C1'" "H1'"  sing N N 172 
DT  N1    C2     sing N N 173 
DT  N1    C6     sing N N 174 
DT  C2    O2     doub N N 175 
DT  C2    N3     sing N N 176 
DT  N3    C4     sing N N 177 
DT  N3    H3     sing N N 178 
DT  C4    O4     doub N N 179 
DT  C4    C5     sing N N 180 
DT  C5    C7     sing N N 181 
DT  C5    C6     doub N N 182 
DT  C7    H71    sing N N 183 
DT  C7    H72    sing N N 184 
DT  C7    H73    sing N N 185 
DT  C6    H6     sing N N 186 
HOH O     H1     sing N N 187 
HOH O     H2     sing N N 188 
RKL RU    N1     sing N N 189 
RKL RU    N2     sing N N 190 
RKL RU    N5     sing N N 191 
RKL RU    N8     sing N N 192 
RKL RU    N9     sing N N 193 
RKL RU    N12    sing N N 194 
RKL C1    N2     doub Y N 195 
RKL C1    C5     sing Y N 196 
RKL C1    C10    sing Y N 197 
RKL N1    C10    doub Y N 198 
RKL N1    C12    sing Y N 199 
RKL C2    N2     sing Y N 200 
RKL C2    C3     doub Y N 201 
RKL C2    H2     sing N N 202 
RKL C3    C4     sing Y N 203 
RKL C3    H3     sing N N 204 
RKL N3    C6     doub Y N 205 
RKL N3    C15    sing Y N 206 
RKL C4    C5     doub Y N 207 
RKL C4    H4     sing N N 208 
RKL N4    C7     doub Y N 209 
RKL N4    C13    sing Y N 210 
RKL C5    C6     sing Y N 211 
RKL N5    C19    doub Y N 212 
RKL N5    C20    sing Y N 213 
RKL C6    C7     sing Y N 214 
RKL N6    C21    sing Y N 215 
RKL N6    C22    doub Y N 216 
RKL C7    C8     sing Y N 217 
RKL N7    C25    doub Y N 218 
RKL N7    C27    sing Y N 219 
RKL C8    C9     doub Y N 220 
RKL C8    C10    sing Y N 221 
RKL N8    C26    doub Y N 222 
RKL N8    C28    sing Y N 223 
RKL C9    C11    sing Y N 224 
RKL C9    H9     sing N N 225 
RKL N9    C29    doub Y N 226 
RKL N9    C30    sing Y N 227 
RKL N10   C31    sing Y N 228 
RKL N10   C32    doub Y N 229 
RKL C11   C12    doub Y N 230 
RKL C11   H11    sing N N 231 
RKL N11   C35    doub Y N 232 
RKL N11   C37    sing Y N 233 
RKL C12   H12    sing N N 234 
RKL N12   C36    doub Y N 235 
RKL N12   C38    sing Y N 236 
RKL C13   C14    sing Y N 237 
RKL C13   C15    doub Y N 238 
RKL C14   C18    doub Y N 239 
RKL C14   H14    sing N N 240 
RKL C15   C16    sing Y N 241 
RKL C16   C17    doub Y N 242 
RKL C16   H16    sing N N 243 
RKL C17   C18    sing Y N 244 
RKL C17   H17    sing N N 245 
RKL C18   H18    sing N N 246 
RKL C19   C22    sing Y N 247 
RKL C19   C26    sing Y N 248 
RKL C20   C21    doub Y N 249 
RKL C20   H20    sing N N 250 
RKL C21   H21    sing N N 251 
RKL C22   C23    sing Y N 252 
RKL C23   C24    doub Y N 253 
RKL C23   H23    sing N N 254 
RKL C24   C25    sing Y N 255 
RKL C24   H24    sing N N 256 
RKL C25   C26    sing Y N 257 
RKL C27   C28    doub Y N 258 
RKL C27   H27    sing N N 259 
RKL C28   H28    sing N N 260 
RKL C29   C32    sing Y N 261 
RKL C29   C36    sing Y N 262 
RKL C30   C31    doub Y N 263 
RKL C30   H30    sing N N 264 
RKL C31   H31    sing N N 265 
RKL C32   C33    sing Y N 266 
RKL C33   C34    doub Y N 267 
RKL C33   H33    sing N N 268 
RKL C34   C35    sing Y N 269 
RKL C34   H34    sing N N 270 
RKL C35   C36    sing Y N 271 
RKL C37   C38    doub Y N 272 
RKL C37   H37    sing N N 273 
RKL C38   H38    sing N N 274 
# 
loop_
_ndb_struct_conf_na.entry_id 
_ndb_struct_conf_na.feature 
5IU5 'double helix'         
5IU5 'b-form double helix'  
5IU5 'mismatched base pair' 
# 
loop_
_ndb_struct_na_base_pair.model_number 
_ndb_struct_na_base_pair.i_label_asym_id 
_ndb_struct_na_base_pair.i_label_comp_id 
_ndb_struct_na_base_pair.i_label_seq_id 
_ndb_struct_na_base_pair.i_symmetry 
_ndb_struct_na_base_pair.j_label_asym_id 
_ndb_struct_na_base_pair.j_label_comp_id 
_ndb_struct_na_base_pair.j_label_seq_id 
_ndb_struct_na_base_pair.j_symmetry 
_ndb_struct_na_base_pair.shear 
_ndb_struct_na_base_pair.stretch 
_ndb_struct_na_base_pair.stagger 
_ndb_struct_na_base_pair.buckle 
_ndb_struct_na_base_pair.propeller 
_ndb_struct_na_base_pair.opening 
_ndb_struct_na_base_pair.pair_number 
_ndb_struct_na_base_pair.pair_name 
_ndb_struct_na_base_pair.i_auth_asym_id 
_ndb_struct_na_base_pair.i_auth_seq_id 
_ndb_struct_na_base_pair.i_PDB_ins_code 
_ndb_struct_na_base_pair.j_auth_asym_id 
_ndb_struct_na_base_pair.j_auth_seq_id 
_ndb_struct_na_base_pair.j_PDB_ins_code 
_ndb_struct_na_base_pair.hbond_type_28 
_ndb_struct_na_base_pair.hbond_type_12 
1 A DT 1  1_555 A DA 10 7_555 0.695  -0.269 0.206  -9.129  13.084 7.841 1  C_DT1:DA10_C C 1  ? C 10 ? 20 1 
1 A DC 2  1_555 A DG 9  7_555 0.245  -0.093 0.274  -13.284 5.473  2.755 2  C_DC2:DG9_C  C 2  ? C 9  ? 19 1 
1 A DG 3  1_555 A DC 8  7_555 -0.288 0.000  0.493  27.293  -5.072 1.631 3  C_DG3:DC8_C  C 3  ? C 8  ? 19 1 
1 A DG 4  1_555 A DC 7  7_555 -0.437 -0.008 -0.081 -7.816  5.613  1.022 4  C_DG4:DC7_C  C 4  ? C 7  ? 19 1 
1 A DC 5  1_555 A DI 6  7_555 0.328  -0.201 0.225  11.377  -5.741 6.041 5  C_DC5:DI6_C  C 5  ? C 6  ? 29 1 
1 A DI 6  1_555 A DC 5  7_555 -0.328 -0.201 0.225  -11.377 -5.741 6.041 6  C_DI6:DC5_C  C 6  ? C 5  ? 29 1 
1 A DC 7  1_555 A DG 4  7_555 0.437  -0.008 -0.081 7.816   5.613  1.022 7  C_DC7:DG4_C  C 7  ? C 4  ? 19 1 
1 A DC 8  1_555 A DG 3  7_555 0.288  0.000  0.493  -27.293 -5.072 1.631 8  C_DC8:DG3_C  C 8  ? C 3  ? 19 1 
1 A DG 9  1_555 A DC 2  7_555 -0.245 -0.093 0.274  13.284  5.473  2.755 9  C_DG9:DC2_C  C 9  ? C 2  ? 19 1 
1 A DA 10 1_555 A DT 1  7_555 -0.695 -0.269 0.206  9.129   13.084 7.841 10 C_DA10:DT1_C C 10 ? C 1  ? 20 1 
# 
loop_
_ndb_struct_na_base_pair_step.model_number 
_ndb_struct_na_base_pair_step.i_label_asym_id_1 
_ndb_struct_na_base_pair_step.i_label_comp_id_1 
_ndb_struct_na_base_pair_step.i_label_seq_id_1 
_ndb_struct_na_base_pair_step.i_symmetry_1 
_ndb_struct_na_base_pair_step.j_label_asym_id_1 
_ndb_struct_na_base_pair_step.j_label_comp_id_1 
_ndb_struct_na_base_pair_step.j_label_seq_id_1 
_ndb_struct_na_base_pair_step.j_symmetry_1 
_ndb_struct_na_base_pair_step.i_label_asym_id_2 
_ndb_struct_na_base_pair_step.i_label_comp_id_2 
_ndb_struct_na_base_pair_step.i_label_seq_id_2 
_ndb_struct_na_base_pair_step.i_symmetry_2 
_ndb_struct_na_base_pair_step.j_label_asym_id_2 
_ndb_struct_na_base_pair_step.j_label_comp_id_2 
_ndb_struct_na_base_pair_step.j_label_seq_id_2 
_ndb_struct_na_base_pair_step.j_symmetry_2 
_ndb_struct_na_base_pair_step.shift 
_ndb_struct_na_base_pair_step.slide 
_ndb_struct_na_base_pair_step.rise 
_ndb_struct_na_base_pair_step.tilt 
_ndb_struct_na_base_pair_step.roll 
_ndb_struct_na_base_pair_step.twist 
_ndb_struct_na_base_pair_step.x_displacement 
_ndb_struct_na_base_pair_step.y_displacement 
_ndb_struct_na_base_pair_step.helical_rise 
_ndb_struct_na_base_pair_step.inclination 
_ndb_struct_na_base_pair_step.tip 
_ndb_struct_na_base_pair_step.helical_twist 
_ndb_struct_na_base_pair_step.step_number 
_ndb_struct_na_base_pair_step.step_name 
_ndb_struct_na_base_pair_step.i_auth_asym_id_1 
_ndb_struct_na_base_pair_step.i_auth_seq_id_1 
_ndb_struct_na_base_pair_step.i_PDB_ins_code_1 
_ndb_struct_na_base_pair_step.j_auth_asym_id_1 
_ndb_struct_na_base_pair_step.j_auth_seq_id_1 
_ndb_struct_na_base_pair_step.j_PDB_ins_code_1 
_ndb_struct_na_base_pair_step.i_auth_asym_id_2 
_ndb_struct_na_base_pair_step.i_auth_seq_id_2 
_ndb_struct_na_base_pair_step.i_PDB_ins_code_2 
_ndb_struct_na_base_pair_step.j_auth_asym_id_2 
_ndb_struct_na_base_pair_step.j_auth_seq_id_2 
_ndb_struct_na_base_pair_step.j_PDB_ins_code_2 
1 A DT 1 1_555 A DA 10 7_555 A DC 2  1_555 A DG 9 7_555 -1.494 0.818 6.963 4.225  -10.278 21.782 8.468  6.217  5.624 -25.198 
-10.357 24.422 1 CC_DT1DC2:DG9DA10_CC C 1 ? C 10 ? C 2  ? C 9 ? 
1 A DC 2 1_555 A DG 9  7_555 A DG 3  1_555 A DC 8 7_555 0.093  1.512 2.509 -0.158 6.819   21.260 1.765  -0.289 2.848 17.900  0.415 
22.315 2 CC_DC2DG3:DC8DG9_CC  C 2 ? C 9  ? C 3  ? C 8 ? 
1 A DG 3 1_555 A DC 8  7_555 A DG 4  1_555 A DC 7 7_555 0.143  0.770 5.186 1.247  46.604  17.450 -5.432 0.000  2.596 70.580  
-1.888  49.609 3 CC_DG3DG4:DC7DC8_CC  C 3 ? C 8  ? C 4  ? C 7 ? 
1 A DG 4 1_555 A DC 7  7_555 A DC 5  1_555 A DI 6 7_555 -0.497 0.239 2.996 -1.496 -0.576  34.652 0.482  0.623  3.010 -0.967  2.510 
34.688 4 CC_DG4DC5:DI6DC7_CC  C 4 ? C 7  ? C 5  ? C 6 ? 
1 A DC 5 1_555 A DI 6  7_555 A DI 6  1_555 A DC 5 7_555 0.000  1.115 4.785 0.000  42.090  22.867 -4.483 0.000  3.319 62.743  0.000 
47.652 5 CC_DC5DI6:DC5DI6_CC  C 5 ? C 6  ? C 6  ? C 5 ? 
1 A DI 6 1_555 A DC 5  7_555 A DC 7  1_555 A DG 4 7_555 0.497  0.239 2.996 1.496  -0.576  34.652 0.482  -0.623 3.010 -0.967  
-2.510  34.688 6 CC_DI6DC7:DG4DC5_CC  C 6 ? C 5  ? C 7  ? C 4 ? 
1 A DC 7 1_555 A DG 4  7_555 A DC 8  1_555 A DG 3 7_555 -0.143 0.770 5.186 -1.247 46.604  17.450 -5.432 0.000  2.596 70.580  1.888 
49.609 7 CC_DC7DC8:DG3DG4_CC  C 7 ? C 4  ? C 8  ? C 3 ? 
1 A DC 8 1_555 A DG 3  7_555 A DG 9  1_555 A DC 2 7_555 -0.093 1.512 2.509 0.158  6.819   21.260 1.765  0.289  2.848 17.900  
-0.415  22.315 8 CC_DC8DG9:DC2DG3_CC  C 8 ? C 3  ? C 9  ? C 2 ? 
1 A DG 9 1_555 A DC 2  7_555 A DA 10 1_555 A DT 1 7_555 1.494  0.818 6.963 -4.225 -10.278 21.782 8.468  -6.217 5.624 -25.198 
10.357  24.422 9 CC_DG9DA10:DT1DC2_CC C 9 ? C 2  ? C 10 ? C 1 ? 
# 
loop_
_pdbx_audit_support.funding_organization 
_pdbx_audit_support.country 
_pdbx_audit_support.grant_number 
_pdbx_audit_support.ordinal 
'Biotechnology and Biological Sciences Research Council' 'United Kingdom' BB/K019279/1 1 
'Biotechnology and Biological Sciences Research Council' 'United Kingdom' BB/M004635/1 2 
# 
_atom_sites.entry_id                    5IU5 
_atom_sites.fract_transf_matrix[1][1]   -0.01357959 
_atom_sites.fract_transf_matrix[1][2]   0.01057534 
_atom_sites.fract_transf_matrix[1][3]   -0.01190714 
_atom_sites.fract_transf_matrix[2][1]   -0.00522617 
_atom_sites.fract_transf_matrix[2][2]   -0.01774093 
_atom_sites.fract_transf_matrix[2][3]   -0.00979640 
_atom_sites.fract_transf_matrix[3][1]   -0.02168931 
_atom_sites.fract_transf_matrix[3][2]   -0.00487751 
_atom_sites.fract_transf_matrix[3][3]   0.02040379 
_atom_sites.fract_transf_vector[1]      0.221462 
_atom_sites.fract_transf_vector[2]      0.266907 
_atom_sites.fract_transf_vector[3]      -0.020636 
# 
loop_
_atom_type.symbol 
BA 
C  
N  
O  
P  
RU 
# 
loop_
_atom_site.group_PDB 
_atom_site.id 
_atom_site.type_symbol 
_atom_site.label_atom_id 
_atom_site.label_alt_id 
_atom_site.label_comp_id 
_atom_site.label_asym_id 
_atom_site.label_entity_id 
_atom_site.label_seq_id 
_atom_site.pdbx_PDB_ins_code 
_atom_site.Cartn_x 
_atom_site.Cartn_y 
_atom_site.Cartn_z 
_atom_site.occupancy 
_atom_site.B_iso_or_equiv 
_atom_site.pdbx_formal_charge 
_atom_site.auth_seq_id 
_atom_site.auth_comp_id 
_atom_site.auth_asym_id 
_atom_site.auth_atom_id 
_atom_site.pdbx_PDB_model_num 
ATOM   1   O  "O5'" . DT  A 1 1  ? -4.650  -1.900  16.777  0.50 94.47  ? 1   DT  C "O5'" 1 
ATOM   2   C  "C5'" . DT  A 1 1  ? -3.420  -2.373  17.314  0.50 92.54  ? 1   DT  C "C5'" 1 
ATOM   3   C  "C4'" . DT  A 1 1  ? -2.831  -3.470  16.443  0.50 87.41  ? 1   DT  C "C4'" 1 
ATOM   4   O  "O4'" . DT  A 1 1  ? -3.771  -4.571  16.346  0.50 83.26  ? 1   DT  C "O4'" 1 
ATOM   5   C  "C3'" . DT  A 1 1  ? -2.515  -3.060  15.010  0.50 80.20  ? 1   DT  C "C3'" 1 
ATOM   6   O  "O3'" . DT  A 1 1  ? -1.345  -3.727  14.565  0.50 86.05  ? 1   DT  C "O3'" 1 
ATOM   7   C  "C2'" . DT  A 1 1  ? -3.750  -3.521  14.241  0.50 68.85  ? 1   DT  C "C2'" 1 
ATOM   8   C  "C1'" . DT  A 1 1  ? -4.126  -4.788  14.995  0.50 77.83  ? 1   DT  C "C1'" 1 
ATOM   9   N  N1    . DT  A 1 1  ? -5.578  -5.099  14.941  0.50 81.28  ? 1   DT  C N1    1 
ATOM   10  C  C2    . DT  A 1 1  ? -5.981  -6.351  14.547  0.50 75.76  ? 1   DT  C C2    1 
ATOM   11  O  O2    . DT  A 1 1  ? -5.202  -7.233  14.235  0.50 62.82  ? 1   DT  C O2    1 
ATOM   12  N  N3    . DT  A 1 1  ? -7.337  -6.538  14.530  0.50 79.21  ? 1   DT  C N3    1 
ATOM   13  C  C4    . DT  A 1 1  ? -8.311  -5.614  14.862  0.50 77.55  ? 1   DT  C C4    1 
ATOM   14  O  O4    . DT  A 1 1  ? -9.508  -5.877  14.816  0.50 79.74  ? 1   DT  C O4    1 
ATOM   15  C  C5    . DT  A 1 1  ? -7.820  -4.318  15.268  0.50 84.90  ? 1   DT  C C5    1 
ATOM   16  C  C7    . DT  A 1 1  ? -8.783  -3.233  15.652  0.50 85.33  ? 1   DT  C C7    1 
ATOM   17  C  C6    . DT  A 1 1  ? -6.492  -4.126  15.287  0.50 82.00  ? 1   DT  C C6    1 
ATOM   18  P  P     . DC  A 1 2  ? -0.275  -2.952  13.653  1.00 108.91 ? 2   DC  C P     1 
ATOM   19  O  OP1   . DC  A 1 2  ? 1.023   -2.982  14.364  1.00 95.10  ? 2   DC  C OP1   1 
ATOM   20  O  OP2   . DC  A 1 2  ? -0.874  -1.654  13.267  1.00 100.73 ? 2   DC  C OP2   1 
ATOM   21  O  "O5'" . DC  A 1 2  ? -0.171  -3.852  12.333  1.00 87.55  ? 2   DC  C "O5'" 1 
ATOM   22  C  "C5'" . DC  A 1 2  ? 0.212   -3.256  11.102  1.00 62.73  ? 2   DC  C "C5'" 1 
ATOM   23  C  "C4'" . DC  A 1 2  ? 0.718   -4.301  10.126  1.00 54.58  ? 2   DC  C "C4'" 1 
ATOM   24  O  "O4'" . DC  A 1 2  ? -0.252  -5.368  10.022  1.00 49.37  ? 2   DC  C "O4'" 1 
ATOM   25  C  "C3'" . DC  A 1 2  ? 0.969   -3.780  8.718   1.00 62.88  ? 2   DC  C "C3'" 1 
ATOM   26  O  "O3'" . DC  A 1 2  ? 2.368   -3.549  8.546   1.00 53.97  ? 2   DC  C "O3'" 1 
ATOM   27  C  "C2'" . DC  A 1 2  ? 0.464   -4.893  7.796   1.00 48.64  ? 2   DC  C "C2'" 1 
ATOM   28  C  "C1'" . DC  A 1 2  ? -0.488  -5.711  8.675   1.00 50.40  ? 2   DC  C "C1'" 1 
ATOM   29  N  N1    . DC  A 1 2  ? -1.944  -5.502  8.387   1.00 54.81  ? 2   DC  C N1    1 
ATOM   30  C  C2    . DC  A 1 2  ? -2.742  -6.602  8.045   1.00 50.26  ? 2   DC  C C2    1 
ATOM   31  O  O2    . DC  A 1 2  ? -2.226  -7.722  7.972   1.00 44.46  ? 2   DC  C O2    1 
ATOM   32  N  N3    . DC  A 1 2  ? -4.060  -6.404  7.799   1.00 45.27  ? 2   DC  C N3    1 
ATOM   33  C  C4    . DC  A 1 2  ? -4.579  -5.179  7.886   1.00 47.66  ? 2   DC  C C4    1 
ATOM   34  N  N4    . DC  A 1 2  ? -5.884  -5.034  7.631   1.00 63.02  ? 2   DC  C N4    1 
ATOM   35  C  C5    . DC  A 1 2  ? -3.784  -4.047  8.238   1.00 59.59  ? 2   DC  C C5    1 
ATOM   36  C  C6    . DC  A 1 2  ? -2.486  -4.253  8.482   1.00 56.64  ? 2   DC  C C6    1 
ATOM   37  P  P     . DG  A 1 3  ? 2.904   -2.638  7.335   1.00 58.00  ? 3   DG  C P     1 
ATOM   38  O  OP1   . DG  A 1 3  ? 4.247   -2.145  7.712   1.00 63.91  ? 3   DG  C OP1   1 
ATOM   39  O  OP2   . DG  A 1 3  ? 1.841   -1.677  6.964   1.00 59.87  ? 3   DG  C OP2   1 
ATOM   40  O  "O5'" . DG  A 1 3  ? 3.058   -3.670  6.122   1.00 51.85  ? 3   DG  C "O5'" 1 
ATOM   41  C  "C5'" . DG  A 1 3  ? 3.949   -4.775  6.233   1.00 54.73  ? 3   DG  C "C5'" 1 
ATOM   42  C  "C4'" . DG  A 1 3  ? 3.657   -5.813  5.164   1.00 62.51  ? 3   DG  C "C4'" 1 
ATOM   43  O  "O4'" . DG  A 1 3  ? 2.386   -6.444  5.444   1.00 57.42  ? 3   DG  C "O4'" 1 
ATOM   44  C  "C3'" . DG  A 1 3  ? 3.548   -5.258  3.754   1.00 53.23  ? 3   DG  C "C3'" 1 
ATOM   45  O  "O3'" . DG  A 1 3  ? 4.825   -5.326  3.120   1.00 60.02  ? 3   DG  C "O3'" 1 
ATOM   46  C  "C2'" . DG  A 1 3  ? 2.540   -6.195  3.083   1.00 51.81  ? 3   DG  C "C2'" 1 
ATOM   47  C  "C1'" . DG  A 1 3  ? 1.660   -6.652  4.248   1.00 53.87  ? 3   DG  C "C1'" 1 
ATOM   48  N  N9    . DG  A 1 3  ? 0.385   -5.941  4.359   1.00 58.94  ? 3   DG  C N9    1 
ATOM   49  C  C8    . DG  A 1 3  ? 0.189   -4.582  4.379   1.00 46.49  ? 3   DG  C C8    1 
ATOM   50  N  N7    . DG  A 1 3  ? -1.065  -4.240  4.505   1.00 50.81  ? 3   DG  C N7    1 
ATOM   51  C  C5    . DG  A 1 3  ? -1.743  -5.449  4.577   1.00 46.14  ? 3   DG  C C5    1 
ATOM   52  C  C6    . DG  A 1 3  ? -3.129  -5.717  4.719   1.00 43.18  ? 3   DG  C C6    1 
ATOM   53  O  O6    . DG  A 1 3  ? -4.062  -4.907  4.809   1.00 51.77  ? 3   DG  C O6    1 
ATOM   54  N  N1    . DG  A 1 3  ? -3.391  -7.086  4.753   1.00 44.19  ? 3   DG  C N1    1 
ATOM   55  C  C2    . DG  A 1 3  ? -2.437  -8.071  4.662   1.00 49.33  ? 3   DG  C C2    1 
ATOM   56  N  N2    . DG  A 1 3  ? -2.884  -9.337  4.712   1.00 51.15  ? 3   DG  C N2    1 
ATOM   57  N  N3    . DG  A 1 3  ? -1.137  -7.834  4.529   1.00 45.58  ? 3   DG  C N3    1 
ATOM   58  C  C4    . DG  A 1 3  ? -0.864  -6.509  4.495   1.00 45.81  ? 3   DG  C C4    1 
ATOM   59  P  P     . DG  A 1 4  ? 5.332   -4.129  2.177   1.00 63.41  ? 4   DG  C P     1 
ATOM   60  O  OP1   . DG  A 1 4  ? 6.773   -4.354  1.922   1.00 70.87  ? 4   DG  C OP1   1 
ATOM   61  O  OP2   . DG  A 1 4  ? 4.876   -2.854  2.773   1.00 65.99  ? 4   DG  C OP2   1 
ATOM   62  O  "O5'" . DG  A 1 4  ? 4.525   -4.350  0.814   1.00 54.99  ? 4   DG  C "O5'" 1 
ATOM   63  C  "C5'" . DG  A 1 4  ? 4.714   -5.542  0.061   1.00 51.86  ? 4   DG  C "C5'" 1 
ATOM   64  C  "C4'" . DG  A 1 4  ? 3.793   -5.573  -1.146  1.00 56.75  ? 4   DG  C "C4'" 1 
ATOM   65  O  "O4'" . DG  A 1 4  ? 2.408   -5.535  -0.706  1.00 62.02  ? 4   DG  C "O4'" 1 
ATOM   66  C  "C3'" . DG  A 1 4  ? 3.953   -4.405  -2.116  1.00 63.07  ? 4   DG  C "C3'" 1 
ATOM   67  O  "O3'" . DG  A 1 4  ? 3.751   -4.864  -3.447  1.00 70.57  ? 4   DG  C "O3'" 1 
ATOM   68  C  "C2'" . DG  A 1 4  ? 2.843   -3.453  -1.680  1.00 60.33  ? 4   DG  C "C2'" 1 
ATOM   69  C  "C1'" . DG  A 1 4  ? 1.748   -4.438  -1.301  1.00 57.68  ? 4   DG  C "C1'" 1 
ATOM   70  N  N9    . DG  A 1 4  ? 0.783   -3.904  -0.343  1.00 51.66  ? 4   DG  C N9    1 
ATOM   71  C  C8    . DG  A 1 4  ? 1.051   -3.118  0.751   1.00 49.54  ? 4   DG  C C8    1 
ATOM   72  N  N7    . DG  A 1 4  ? -0.017  -2.795  1.430   1.00 43.90  ? 4   DG  C N7    1 
ATOM   73  C  C5    . DG  A 1 4  ? -1.057  -3.409  0.742   1.00 48.47  ? 4   DG  C C5    1 
ATOM   74  C  C6    . DG  A 1 4  ? -2.449  -3.414  1.004   1.00 51.27  ? 4   DG  C C6    1 
ATOM   75  O  O6    . DG  A 1 4  ? -3.058  -2.864  1.931   1.00 42.69  ? 4   DG  C O6    1 
ATOM   76  N  N1    . DG  A 1 4  ? -3.149  -4.155  0.057   1.00 46.78  ? 4   DG  C N1    1 
ATOM   77  C  C2    . DG  A 1 4  ? -2.579  -4.811  -1.008  1.00 48.12  ? 4   DG  C C2    1 
ATOM   78  N  N2    . DG  A 1 4  ? -3.418  -5.479  -1.814  1.00 48.75  ? 4   DG  C N2    1 
ATOM   79  N  N3    . DG  A 1 4  ? -1.276  -4.814  -1.264  1.00 50.35  ? 4   DG  C N3    1 
ATOM   80  C  C4    . DG  A 1 4  ? -0.579  -4.096  -0.351  1.00 48.25  ? 4   DG  C C4    1 
ATOM   81  P  P     . DC  A 1 5  ? 4.308   -4.019  -4.693  1.00 68.18  ? 5   DC  C P     1 
ATOM   82  O  OP1   . DC  A 1 5  ? 5.348   -4.841  -5.348  1.00 71.63  ? 5   DC  C OP1   1 
ATOM   83  O  OP2   . DC  A 1 5  ? 4.636   -2.658  -4.217  1.00 64.97  ? 5   DC  C OP2   1 
ATOM   84  O  "O5'" . DC  A 1 5  ? 3.045   -3.906  -5.668  1.00 57.89  ? 5   DC  C "O5'" 1 
ATOM   85  C  "C5'" . DC  A 1 5  ? 2.439   -5.086  -6.191  1.00 59.12  ? 5   DC  C "C5'" 1 
ATOM   86  C  "C4'" . DC  A 1 5  ? 1.024   -4.802  -6.658  1.00 59.30  ? 5   DC  C "C4'" 1 
ATOM   87  O  "O4'" . DC  A 1 5  ? 0.145   -4.738  -5.519  1.00 64.60  ? 5   DC  C "O4'" 1 
ATOM   88  C  "C3'" . DC  A 1 5  ? 0.849   -3.472  -7.366  1.00 65.46  ? 5   DC  C "C3'" 1 
ATOM   89  O  "O3'" . DC  A 1 5  ? 1.115   -3.636  -8.753  1.00 67.56  ? 5   DC  C "O3'" 1 
ATOM   90  C  "C2'" . DC  A 1 5  ? -0.621  -3.130  -7.106  1.00 52.06  ? 5   DC  C "C2'" 1 
ATOM   91  C  "C1'" . DC  A 1 5  ? -0.930  -3.860  -5.789  1.00 61.63  ? 5   DC  C "C1'" 1 
ATOM   92  N  N1    . DC  A 1 5  ? -1.104  -2.959  -4.608  1.00 58.85  ? 5   DC  C N1    1 
ATOM   93  C  C2    . DC  A 1 5  ? -2.348  -2.884  -3.975  1.00 49.16  ? 5   DC  C C2    1 
ATOM   94  O  O2    . DC  A 1 5  ? -3.288  -3.555  -4.413  1.00 50.56  ? 5   DC  C O2    1 
ATOM   95  N  N3    . DC  A 1 5  ? -2.489  -2.073  -2.898  1.00 51.42  ? 5   DC  C N3    1 
ATOM   96  C  C4    . DC  A 1 5  ? -1.449  -1.365  -2.454  1.00 44.21  ? 5   DC  C C4    1 
ATOM   97  N  N4    . DC  A 1 5  ? -1.637  -0.580  -1.389  1.00 52.73  ? 5   DC  C N4    1 
ATOM   98  C  C5    . DC  A 1 5  ? -0.170  -1.433  -3.082  1.00 49.81  ? 5   DC  C C5    1 
ATOM   99  C  C6    . DC  A 1 5  ? -0.043  -2.236  -4.143  1.00 51.09  ? 5   DC  C C6    1 
ATOM   100 P  P     . DI  A 1 6  ? 1.838   -2.468  -9.586  1.00 66.43  ? 6   DI  C P     1 
ATOM   101 O  OP1   . DI  A 1 6  ? 2.396   -3.084  -10.846 1.00 65.43  ? 6   DI  C OP1   1 
ATOM   102 O  OP2   . DI  A 1 6  ? 2.754   -1.711  -8.653  1.00 64.33  ? 6   DI  C OP2   1 
ATOM   103 O  "O5'" . DI  A 1 6  ? 0.629   -1.493  -10.003 1.00 56.68  ? 6   DI  C "O5'" 1 
ATOM   104 C  "C5'" . DI  A 1 6  ? -0.384  -1.970  -10.886 1.00 64.16  ? 6   DI  C "C5'" 1 
ATOM   105 C  "C4'" . DI  A 1 6  ? -1.420  -0.881  -11.135 1.00 69.79  ? 6   DI  C "C4'" 1 
ATOM   106 O  "O4'" . DI  A 1 6  ? -2.034  -0.507  -9.901  1.00 70.59  ? 6   DI  C "O4'" 1 
ATOM   107 C  "C3'" . DI  A 1 6  ? -0.807  0.378   -11.723 1.00 65.36  ? 6   DI  C "C3'" 1 
ATOM   108 O  "O3'" . DI  A 1 6  ? -1.688  0.846   -12.744 1.00 59.59  ? 6   DI  C "O3'" 1 
ATOM   109 C  "C2'" . DI  A 1 6  ? -0.772  1.388   -10.591 1.00 55.72  ? 6   DI  C "C2'" 1 
ATOM   110 C  "C1'" . DI  A 1 6  ? -1.834  0.882   -9.628  1.00 61.31  ? 6   DI  C "C1'" 1 
ATOM   111 N  N9    . DI  A 1 6  ? -1.421  1.039   -8.212  1.00 52.63  ? 6   DI  C N9    1 
ATOM   112 C  C8    . DI  A 1 6  ? -0.225  0.715   -7.685  1.00 49.61  ? 6   DI  C C8    1 
ATOM   113 N  N7    . DI  A 1 6  ? -0.191  0.986   -6.352  1.00 48.22  ? 6   DI  C N7    1 
ATOM   114 C  C5    . DI  A 1 6  ? -1.391  1.496   -6.011  1.00 56.17  ? 6   DI  C C5    1 
ATOM   115 C  C6    . DI  A 1 6  ? -2.036  1.992   -4.772  1.00 50.50  ? 6   DI  C C6    1 
ATOM   116 O  O6    . DI  A 1 6  ? -1.424  2.001   -3.682  1.00 48.16  ? 6   DI  C O6    1 
ATOM   117 N  N1    . DI  A 1 6  ? -3.299  2.432   -4.858  1.00 46.46  ? 6   DI  C N1    1 
ATOM   118 C  C2    . DI  A 1 6  ? -3.978  2.434   -6.019  1.00 51.23  ? 6   DI  C C2    1 
ATOM   119 N  N3    . DI  A 1 6  ? -3.462  2.000   -7.182  1.00 51.10  ? 6   DI  C N3    1 
ATOM   120 C  C4    . DI  A 1 6  ? -2.194  1.530   -7.242  1.00 54.54  ? 6   DI  C C4    1 
ATOM   121 P  P     . DC  A 1 7  ? -1.192  1.930   -13.820 1.00 71.31  ? 7   DC  C P     1 
ATOM   122 O  OP1   . DC  A 1 7  ? -1.905  1.648   -15.088 1.00 84.76  ? 7   DC  C OP1   1 
ATOM   123 O  OP2   . DC  A 1 7  ? 0.288   1.959   -13.794 1.00 75.10  ? 7   DC  C OP2   1 
ATOM   124 O  "O5'" . DC  A 1 7  ? -1.725  3.315   -13.234 1.00 69.95  ? 7   DC  C "O5'" 1 
ATOM   125 C  "C5'" . DC  A 1 7  ? -3.089  3.444   -12.862 1.00 53.50  ? 7   DC  C "C5'" 1 
ATOM   126 C  "C4'" . DC  A 1 7  ? -3.297  4.674   -11.999 1.00 51.85  ? 7   DC  C "C4'" 1 
ATOM   127 O  "O4'" . DC  A 1 7  ? -3.130  4.329   -10.615 1.00 53.36  ? 7   DC  C "O4'" 1 
ATOM   128 C  "C3'" . DC  A 1 7  ? -2.299  5.791   -12.228 1.00 55.44  ? 7   DC  C "C3'" 1 
ATOM   129 O  "O3'" . DC  A 1 7  ? -2.734  6.614   -13.303 1.00 67.28  ? 7   DC  C "O3'" 1 
ATOM   130 C  "C2'" . DC  A 1 7  ? -2.320  6.548   -10.894 1.00 52.55  ? 7   DC  C "C2'" 1 
ATOM   131 C  "C1'" . DC  A 1 7  ? -2.837  5.504   -9.890  1.00 56.00  ? 7   DC  C "C1'" 1 
ATOM   132 N  N1    . DC  A 1 7  ? -1.861  5.168   -8.810  1.00 51.59  ? 7   DC  C N1    1 
ATOM   133 C  C2    . DC  A 1 7  ? -2.244  5.294   -7.471  1.00 63.03  ? 7   DC  C C2    1 
ATOM   134 O  O2    . DC  A 1 7  ? -3.387  5.685   -7.207  1.00 49.29  ? 7   DC  C O2    1 
ATOM   135 N  N3    . DC  A 1 7  ? -1.349  4.984   -6.498  1.00 49.58  ? 7   DC  C N3    1 
ATOM   136 C  C4    . DC  A 1 7  ? -0.126  4.563   -6.827  1.00 57.33  ? 7   DC  C C4    1 
ATOM   137 N  N4    . DC  A 1 7  ? 0.723   4.267   -5.836  1.00 43.40  ? 7   DC  C N4    1 
ATOM   138 C  C5    . DC  A 1 7  ? 0.283   4.426   -8.187  1.00 49.05  ? 7   DC  C C5    1 
ATOM   139 C  C6    . DC  A 1 7  ? -0.607  4.738   -9.137  1.00 51.33  ? 7   DC  C C6    1 
ATOM   140 P  P     . DC  A 1 8  ? -1.661  7.339   -14.254 1.00 67.60  ? 8   DC  C P     1 
ATOM   141 O  OP1   . DC  A 1 8  ? -2.313  7.604   -15.557 1.00 77.21  ? 8   DC  C OP1   1 
ATOM   142 O  OP2   . DC  A 1 8  ? -0.414  6.543   -14.199 1.00 71.86  ? 8   DC  C OP2   1 
ATOM   143 O  "O5'" . DC  A 1 8  ? -1.374  8.730   -13.519 1.00 57.45  ? 8   DC  C "O5'" 1 
ATOM   144 C  "C5'" . DC  A 1 8  ? -2.442  9.626   -13.249 1.00 53.07  ? 8   DC  C "C5'" 1 
ATOM   145 C  "C4'" . DC  A 1 8  ? -1.989  10.721  -12.303 1.00 56.18  ? 8   DC  C "C4'" 1 
ATOM   146 O  "O4'" . DC  A 1 8  ? -1.839  10.172  -10.980 1.00 50.35  ? 8   DC  C "O4'" 1 
ATOM   147 C  "C3'" . DC  A 1 8  ? -0.640  11.330  -12.638 1.00 54.48  ? 8   DC  C "C3'" 1 
ATOM   148 O  "O3'" . DC  A 1 8  ? -0.825  12.448  -13.505 1.00 60.36  ? 8   DC  C "O3'" 1 
ATOM   149 C  "C2'" . DC  A 1 8  ? -0.089  11.765  -11.273 1.00 48.07  ? 8   DC  C "C2'" 1 
ATOM   150 C  "C1'" . DC  A 1 8  ? -0.861  10.899  -10.268 1.00 55.49  ? 8   DC  C "C1'" 1 
ATOM   151 N  N1    . DC  A 1 8  ? -0.011  9.921   -9.528  1.00 59.03  ? 8   DC  C N1    1 
ATOM   152 C  C2    . DC  A 1 8  ? 0.318   10.159  -8.186  1.00 54.04  ? 8   DC  C C2    1 
ATOM   153 O  O2    . DC  A 1 8  ? -0.091  11.190  -7.637  1.00 49.38  ? 8   DC  C O2    1 
ATOM   154 N  N3    . DC  A 1 8  ? 1.081   9.250   -7.528  1.00 51.08  ? 8   DC  C N3    1 
ATOM   155 C  C4    . DC  A 1 8  ? 1.500   8.148   -8.158  1.00 50.49  ? 8   DC  C C4    1 
ATOM   156 N  N4    . DC  A 1 8  ? 2.251   7.281   -7.472  1.00 48.17  ? 8   DC  C N4    1 
ATOM   157 C  C5    . DC  A 1 8  ? 1.173   7.891   -9.522  1.00 44.32  ? 8   DC  C C5    1 
ATOM   158 C  C6    . DC  A 1 8  ? 0.420   8.791   -10.159 1.00 52.52  ? 8   DC  C C6    1 
ATOM   159 P  P     . DG  A 1 9  ? 0.330   12.882  -14.536 1.00 62.30  ? 9   DG  C P     1 
ATOM   160 O  OP1   . DG  A 1 9  ? -0.329  13.528  -15.694 1.00 61.98  ? 9   DG  C OP1   1 
ATOM   161 O  OP2   . DG  A 1 9  ? 1.212   11.715  -14.748 1.00 58.23  ? 9   DG  C OP2   1 
ATOM   162 O  "O5'" . DG  A 1 9  ? 1.167   13.990  -13.742 1.00 56.87  ? 9   DG  C "O5'" 1 
ATOM   163 C  "C5'" . DG  A 1 9  ? 0.585   15.257  -13.446 1.00 56.51  ? 9   DG  C "C5'" 1 
ATOM   164 C  "C4'" . DG  A 1 9  ? 1.350   15.948  -12.332 1.00 55.53  ? 9   DG  C "C4'" 1 
ATOM   165 O  "O4'" . DG  A 1 9  ? 1.364   15.085  -11.177 1.00 60.17  ? 9   DG  C "O4'" 1 
ATOM   166 C  "C3'" . DG  A 1 9  ? 2.803   16.273  -12.670 1.00 69.13  ? 9   DG  C "C3'" 1 
ATOM   167 O  "O3'" . DG  A 1 9  ? 2.944   17.676  -12.891 1.00 84.64  ? 9   DG  C "O3'" 1 
ATOM   168 C  "C2'" . DG  A 1 9  ? 3.622   15.815  -11.458 1.00 67.45  ? 9   DG  C "C2'" 1 
ATOM   169 C  "C1'" . DG  A 1 9  ? 2.632   15.056  -10.569 1.00 67.33  ? 9   DG  C "C1'" 1 
ATOM   170 N  N9    . DG  A 1 9  ? 2.997   13.661  -10.341 1.00 63.34  ? 9   DG  C N9    1 
ATOM   171 C  C8    . DG  A 1 9  ? 3.232   12.698  -11.292 1.00 56.42  ? 9   DG  C C8    1 
ATOM   172 N  N7    . DG  A 1 9  ? 3.538   11.534  -10.788 1.00 59.34  ? 9   DG  C N7    1 
ATOM   173 C  C5    . DG  A 1 9  ? 3.494   11.735  -9.414  1.00 60.59  ? 9   DG  C C5    1 
ATOM   174 C  C6    . DG  A 1 9  ? 3.735   10.832  -8.350  1.00 57.82  ? 9   DG  C C6    1 
ATOM   175 O  O6    . DG  A 1 9  ? 4.047   9.634   -8.414  1.00 47.82  ? 9   DG  C O6    1 
ATOM   176 N  N1    . DG  A 1 9  ? 3.583   11.446  -7.109  1.00 56.78  ? 9   DG  C N1    1 
ATOM   177 C  C2    . DG  A 1 9  ? 3.244   12.765  -6.921  1.00 51.39  ? 9   DG  C C2    1 
ATOM   178 N  N2    . DG  A 1 9  ? 3.145   13.178  -5.650  1.00 49.31  ? 9   DG  C N2    1 
ATOM   179 N  N3    . DG  A 1 9  ? 3.019   13.621  -7.909  1.00 54.32  ? 9   DG  C N3    1 
ATOM   180 C  C4    . DG  A 1 9  ? 3.161   13.039  -9.122  1.00 51.85  ? 9   DG  C C4    1 
ATOM   181 P  P     . DA  A 1 10 ? 4.221   18.248  -13.682 1.00 98.06  ? 10  DA  C P     1 
ATOM   182 O  OP1   . DA  A 1 10 ? 3.828   19.540  -14.286 1.00 98.97  ? 10  DA  C OP1   1 
ATOM   183 O  OP2   . DA  A 1 10 ? 4.735   17.158  -14.541 1.00 88.74  ? 10  DA  C OP2   1 
ATOM   184 O  "O5'" . DA  A 1 10 ? 5.300   18.530  -12.532 1.00 91.46  ? 10  DA  C "O5'" 1 
ATOM   185 C  "C5'" . DA  A 1 10 ? 5.044   19.526  -11.546 1.00 84.16  ? 10  DA  C "C5'" 1 
ATOM   186 C  "C4'" . DA  A 1 10 ? 6.107   19.504  -10.460 1.00 78.83  ? 10  DA  C "C4'" 1 
ATOM   187 O  "O4'" . DA  A 1 10 ? 6.538   18.140  -10.232 1.00 80.12  ? 10  DA  C "O4'" 1 
ATOM   188 C  "C3'" . DA  A 1 10 ? 7.371   20.311  -10.773 1.00 90.06  ? 10  DA  C "C3'" 1 
ATOM   189 O  "O3'" . DA  A 1 10 ? 7.605   21.275  -9.751  1.00 90.81  ? 10  DA  C "O3'" 1 
ATOM   190 C  "C2'" . DA  A 1 10 ? 8.489   19.263  -10.828 1.00 80.22  ? 10  DA  C "C2'" 1 
ATOM   191 C  "C1'" . DA  A 1 10 ? 7.921   18.128  -9.995  1.00 78.47  ? 10  DA  C "C1'" 1 
ATOM   192 N  N9    . DA  A 1 10 ? 8.441   16.818  -10.379 1.00 82.14  ? 10  DA  C N9    1 
ATOM   193 C  C8    . DA  A 1 10 ? 8.549   16.317  -11.647 1.00 83.72  ? 10  DA  C C8    1 
ATOM   194 N  N7    . DA  A 1 10 ? 9.054   15.108  -11.699 1.00 77.15  ? 10  DA  C N7    1 
ATOM   195 C  C5    . DA  A 1 10 ? 9.291   14.791  -10.373 1.00 77.54  ? 10  DA  C C5    1 
ATOM   196 C  C6    . DA  A 1 10 ? 9.823   13.642  -9.753  1.00 79.24  ? 10  DA  C C6    1 
ATOM   197 N  N6    . DA  A 1 10 ? 10.223  12.560  -10.427 1.00 74.11  ? 10  DA  C N6    1 
ATOM   198 N  N1    . DA  A 1 10 ? 9.925   13.650  -8.408  1.00 79.76  ? 10  DA  C N1    1 
ATOM   199 C  C2    . DA  A 1 10 ? 9.522   14.738  -7.737  1.00 70.39  ? 10  DA  C C2    1 
ATOM   200 N  N3    . DA  A 1 10 ? 9.008   15.873  -8.208  1.00 78.51  ? 10  DA  C N3    1 
ATOM   201 C  C4    . DA  A 1 10 ? 8.919   15.834  -9.546  1.00 80.80  ? 10  DA  C C4    1 
HETATM 202 BA BA    . BA  B 2 .  ? -1.637  -1.403  3.879   1.00 50.55  ? 101 BA  C BA    1 
HETATM 203 RU RU    . RKL C 3 .  ? -1.011  -9.887  11.859  1.00 49.91  ? 102 RKL C RU    1 
HETATM 204 C  C1    . RKL C 3 .  ? -3.708  -9.020  11.363  1.00 51.55  ? 102 RKL C C1    1 
HETATM 205 N  N1    . RKL C 3 .  ? -2.680  -11.120 11.563  1.00 47.92  ? 102 RKL C N1    1 
HETATM 206 C  C2    . RKL C 3 .  ? -2.336  -7.133  11.555  1.00 54.11  ? 102 RKL C C2    1 
HETATM 207 N  N2    . RKL C 3 .  ? -2.505  -8.458  11.537  1.00 54.20  ? 102 RKL C N2    1 
HETATM 208 C  C3    . RKL C 3 .  ? -3.441  -6.308  11.354  1.00 59.61  ? 102 RKL C C3    1 
HETATM 209 N  N3    . RKL C 3 .  ? -7.153  -8.108  10.770  1.00 67.84  ? 102 RKL C N3    1 
HETATM 210 C  C4    . RKL C 3 .  ? -4.704  -6.863  11.153  1.00 60.92  ? 102 RKL C C4    1 
HETATM 211 N  N4    . RKL C 3 .  ? -7.371  -10.833 10.786  1.00 76.21  ? 102 RKL C N4    1 
HETATM 212 C  C5    . RKL C 3 .  ? -4.836  -8.246  11.159  1.00 59.33  ? 102 RKL C C5    1 
HETATM 213 N  N5    . RKL C 3 .  ? -1.483  -9.987  13.891  1.00 46.73  ? 102 RKL C N5    1 
HETATM 214 C  C6    . RKL C 3 .  ? -6.067  -8.861  10.966  1.00 58.48  ? 102 RKL C C6    1 
HETATM 215 N  N6    . RKL C 3 .  ? -1.862  -10.387 16.547  1.00 46.43  ? 102 RKL C N6    1 
HETATM 216 C  C7    . RKL C 3 .  ? -6.167  -10.252 10.974  1.00 67.39  ? 102 RKL C C7    1 
HETATM 217 N  N7    . RKL C 3 .  ? 1.767   -13.356 13.661  1.00 46.50  ? 102 RKL C N7    1 
HETATM 218 C  C8    . RKL C 3 .  ? -5.028  -11.033 11.181  1.00 54.02  ? 102 RKL C C8    1 
HETATM 219 N  N8    . RKL C 3 .  ? 0.264   -11.418 12.488  1.00 44.13  ? 102 RKL C N8    1 
HETATM 220 C  C9    . RKL C 3 .  ? -5.074  -12.423 11.199  1.00 52.81  ? 102 RKL C C9    1 
HETATM 221 N  N9    . RKL C 3 .  ? -0.283  -9.816  9.893   1.00 48.30  ? 102 RKL C N9    1 
HETATM 222 C  C10   . RKL C 3 .  ? -3.803  -10.412 11.374  1.00 55.31  ? 102 RKL C C10   1 
HETATM 223 N  N10   . RKL C 3 .  ? 0.894   -9.513  7.517   1.00 60.84  ? 102 RKL C N10   1 
HETATM 224 C  C11   . RKL C 3 .  ? -3.891  -13.133 11.411  1.00 61.11  ? 102 RKL C C11   1 
HETATM 225 N  N11   . RKL C 3 .  ? 2.660   -6.796  11.956  1.00 45.09  ? 102 RKL C N11   1 
HETATM 226 C  C12   . RKL C 3 .  ? -2.685  -12.457 11.601  1.00 68.32  ? 102 RKL C C12   1 
HETATM 227 N  N12   . RKL C 3 .  ? 0.556   -8.514  12.058  1.00 43.11  ? 102 RKL C N12   1 
HETATM 228 C  C13   . RKL C 3 .  ? -8.456  -10.071 10.592  1.00 65.30  ? 102 RKL C C13   1 
HETATM 229 C  C14   . RKL C 3 .  ? -9.698  -10.664 10.400  1.00 73.85  ? 102 RKL C C14   1 
HETATM 230 C  C15   . RKL C 3 .  ? -8.344  -8.685  10.583  1.00 68.14  ? 102 RKL C C15   1 
HETATM 231 C  C16   . RKL C 3 .  ? -9.470  -7.895  10.379  1.00 81.72  ? 102 RKL C C16   1 
HETATM 232 C  C17   . RKL C 3 .  ? -10.713 -8.490  10.183  1.00 72.21  ? 102 RKL C C17   1 
HETATM 233 C  C18   . RKL C 3 .  ? -10.826 -9.874  10.192  1.00 68.27  ? 102 RKL C C18   1 
HETATM 234 C  C19   . RKL C 3 .  ? -0.783  -10.923 14.529  1.00 37.21  ? 102 RKL C C19   1 
HETATM 235 C  C20   . RKL C 3 .  ? -2.383  -9.235  14.528  1.00 41.03  ? 102 RKL C C20   1 
HETATM 236 C  C21   . RKL C 3 .  ? -2.568  -9.449  15.894  1.00 54.50  ? 102 RKL C C21   1 
HETATM 237 C  C22   . RKL C 3 .  ? -0.959  -11.143 15.881  1.00 48.78  ? 102 RKL C C22   1 
HETATM 238 C  C23   . RKL C 3 .  ? -0.201  -12.128 16.512  1.00 45.89  ? 102 RKL C C23   1 
HETATM 239 C  C24   . RKL C 3 .  ? 0.719   -12.878 15.775  1.00 53.35  ? 102 RKL C C24   1 
HETATM 240 C  C25   . RKL C 3 .  ? 0.888   -12.652 14.410  1.00 49.07  ? 102 RKL C C25   1 
HETATM 241 C  C26   . RKL C 3 .  ? 0.134   -11.673 13.795  1.00 45.41  ? 102 RKL C C26   1 
HETATM 242 C  C27   . RKL C 3 .  ? 1.892   -13.096 12.349  1.00 50.26  ? 102 RKL C C27   1 
HETATM 243 C  C28   . RKL C 3 .  ? 1.125   -12.105 11.735  1.00 52.79  ? 102 RKL C C28   1 
HETATM 244 C  C29   . RKL C 3 .  ? 0.756   -8.989  9.781   1.00 47.12  ? 102 RKL C C29   1 
HETATM 245 C  C30   . RKL C 3 .  ? -0.717  -10.492 8.824   1.00 50.04  ? 102 RKL C C30   1 
HETATM 246 C  C31   . RKL C 3 .  ? -0.098  -10.303 7.649   1.00 54.60  ? 102 RKL C C31   1 
HETATM 247 C  C32   . RKL C 3 .  ? 1.374   -8.821  8.561   1.00 47.03  ? 102 RKL C C32   1 
HETATM 248 C  C33   . RKL C 3 .  ? 2.456   -7.945  8.469   1.00 51.19  ? 102 RKL C C33   1 
HETATM 249 C  C34   . RKL C 3 .  ? 2.903   -7.255  9.602   1.00 53.68  ? 102 RKL C C34   1 
HETATM 250 C  C35   . RKL C 3 .  ? 2.270   -7.438  10.832  1.00 44.74  ? 102 RKL C C35   1 
HETATM 251 C  C36   . RKL C 3 .  ? 1.199   -8.307  10.908  1.00 48.19  ? 102 RKL C C36   1 
HETATM 252 C  C37   . RKL C 3 .  ? 2.011   -7.011  13.115  1.00 44.88  ? 102 RKL C C37   1 
HETATM 253 C  C38   . RKL C 3 .  ? 0.932   -7.894  13.181  1.00 41.33  ? 102 RKL C C38   1 
HETATM 254 O  O     . HOH D 4 .  ? 3.111   3.646   -6.046  1.00 60.39  ? 201 HOH C O     1 
HETATM 255 O  O     . HOH D 4 .  ? -0.439  -6.472  -3.042  1.00 44.72  ? 202 HOH C O     1 
HETATM 256 O  O     . HOH D 4 .  ? -3.997  -2.293  4.998   1.00 49.45  ? 203 HOH C O     1 
HETATM 257 O  O     . HOH D 4 .  ? 3.868   11.934  -15.341 1.00 77.29  ? 204 HOH C O     1 
HETATM 258 O  O     . HOH D 4 .  ? 1.219   -1.333  4.243   1.00 51.06  ? 205 HOH C O     1 
HETATM 259 O  O     . HOH D 4 .  ? 4.765   -4.860  11.837  1.00 57.65  ? 206 HOH C O     1 
HETATM 260 O  O     . HOH D 4 .  ? 5.315   7.729   -10.240 1.00 63.94  ? 207 HOH C O     1 
HETATM 261 O  O     . HOH D 4 .  ? 1.172   2.414   -2.237  1.00 50.74  ? 208 HOH C O     1 
HETATM 262 O  O     . HOH D 4 .  ? 5.729   -4.333  9.292   1.00 58.36  ? 209 HOH C O     1 
HETATM 263 O  O     . HOH D 4 .  ? 2.070   0.078   -0.396  1.00 59.75  ? 210 HOH C O     1 
HETATM 264 O  O     . HOH D 4 .  ? 7.073   1.045   -6.141  1.00 76.01  ? 211 HOH C O     1 
HETATM 265 O  O     . HOH D 4 .  ? -1.821  1.275   4.669   1.00 45.79  ? 212 HOH C O     1 
# 
loop_
_atom_site_anisotrop.id 
_atom_site_anisotrop.type_symbol 
_atom_site_anisotrop.pdbx_label_atom_id 
_atom_site_anisotrop.pdbx_label_alt_id 
_atom_site_anisotrop.pdbx_label_comp_id 
_atom_site_anisotrop.pdbx_label_asym_id 
_atom_site_anisotrop.pdbx_label_seq_id 
_atom_site_anisotrop.pdbx_PDB_ins_code 
_atom_site_anisotrop.U[1][1] 
_atom_site_anisotrop.U[2][2] 
_atom_site_anisotrop.U[3][3] 
_atom_site_anisotrop.U[1][2] 
_atom_site_anisotrop.U[1][3] 
_atom_site_anisotrop.U[2][3] 
_atom_site_anisotrop.pdbx_auth_seq_id 
_atom_site_anisotrop.pdbx_auth_comp_id 
_atom_site_anisotrop.pdbx_auth_asym_id 
_atom_site_anisotrop.pdbx_auth_atom_id 
1   O "O5'" . DT A 1  ? 1.7821 1.0405 0.7668 0.0741  0.1623  0.0863  1  DT C "O5'" 
2   C "C5'" . DT A 1  ? 1.7786 1.0194 0.7183 0.0298  0.0900  0.0840  1  DT C "C5'" 
3   C "C4'" . DT A 1  ? 1.6066 0.9840 0.7307 0.0042  0.0425  0.0945  1  DT C "C4'" 
4   O "O4'" . DT A 1  ? 1.4874 0.9508 0.7253 0.0313  0.0831  0.1249  1  DT C "O4'" 
5   C "C3'" . DT A 1  ? 1.4536 0.9000 0.6938 -0.0060 0.0225  0.0734  1  DT C "C3'" 
6   O "O3'" . DT A 1  ? 1.4758 0.9869 0.8068 -0.0435 -0.0406 0.0752  1  DT C "O3'" 
7   C "C2'" . DT A 1  ? 1.2398 0.7706 0.6057 0.0294  0.0752  0.0876  1  DT C "C2'" 
8   C "C1'" . DT A 1  ? 1.3318 0.8962 0.7294 0.0379  0.0874  0.1213  1  DT C "C1'" 
9   N N1    . DT A 1  ? 1.3428 0.9425 0.8030 0.0797  0.1526  0.1490  1  DT C N1    
10  C C2    . DT A 1  ? 1.1915 0.8896 0.7971 0.0823  0.1490  0.1753  1  DT C C2    
11  O O2    . DT A 1  ? 0.9846 0.7385 0.6638 0.0549  0.0999  0.1733  1  DT C O2    
12  N N3    . DT A 1  ? 1.2052 0.9312 0.8731 0.1189  0.2055  0.2078  1  DT C N3    
13  C C4    . DT A 1  ? 1.2235 0.8931 0.8299 0.1563  0.2715  0.2190  1  DT C C4    
14  O O4    . DT A 1  ? 1.2112 0.9181 0.9006 0.1884  0.3206  0.2580  1  DT C O4    
15  C C5    . DT A 1  ? 1.4070 0.9678 0.8511 0.1550  0.2782  0.1855  1  DT C C5    
16  C C7    . DT A 1  ? 1.4661 0.9483 0.8276 0.1977  0.3542  0.1932  1  DT C C7    
17  C C6    . DT A 1  ? 1.4027 0.9328 0.7802 0.1153  0.2152  0.1515  1  DT C C6    
18  P P     . DC A 2  ? 1.7521 1.2709 1.1152 -0.0726 -0.0869 0.0529  2  DC C P     
19  O OP1   . DC A 2  ? 1.6089 1.0851 0.9196 -0.1146 -0.1529 0.0612  2  DC C OP1   
20  O OP2   . DC A 2  ? 1.6861 1.1524 0.9887 -0.0529 -0.0531 0.0302  2  DC C OP2   
21  O "O5'" . DC A 2  ? 1.3794 1.0235 0.9235 -0.0717 -0.0900 0.0568  2  DC C "O5'" 
22  C "C5'" . DC A 2  ? 1.0343 0.7104 0.6389 -0.0771 -0.0983 0.0389  2  DC C "C5'" 
23  C "C4'" . DC A 2  ? 0.8519 0.6230 0.5988 -0.0843 -0.1133 0.0456  2  DC C "C4'" 
24  O "O4'" . DC A 2  ? 0.7480 0.5692 0.5588 -0.0621 -0.0846 0.0566  2  DC C "O4'" 
25  C "C3'" . DC A 2  ? 0.9253 0.7306 0.7330 -0.0833 -0.1108 0.0286  2  DC C "C3'" 
26  O "O3'" . DC A 2  ? 0.8040 0.6117 0.6351 -0.1116 -0.1506 0.0332  2  DC C "O3'" 
27  C "C2'" . DC A 2  ? 0.6849 0.5639 0.5994 -0.0679 -0.0933 0.0305  2  DC C "C2'" 
28  C "C1'" . DC A 2  ? 0.7086 0.5901 0.6165 -0.0531 -0.0752 0.0473  2  DC C "C1'" 
29  N N1    . DC A 2  ? 0.7626 0.6469 0.6729 -0.0252 -0.0360 0.0474  2  DC C N1    
30  C C2    . DC A 2  ? 0.6598 0.5953 0.6546 -0.0127 -0.0258 0.0615  2  DC C C2    
31  O O2    . DC A 2  ? 0.5530 0.5255 0.6106 -0.0230 -0.0462 0.0682  2  DC C O2    
32  N N3    . DC A 2  ? 0.5888 0.5300 0.6013 0.0098  0.0043  0.0711  2  DC C N3    
33  C C4    . DC A 2  ? 0.6537 0.5531 0.6042 0.0232  0.0304  0.0664  2  DC C C4    
34  N N4    . DC A 2  ? 0.8316 0.7434 0.8193 0.0459  0.0609  0.0844  2  DC C N4    
35  C C5    . DC A 2  ? 0.8563 0.6971 0.7106 0.0128  0.0241  0.0470  2  DC C C5    
36  C C6    . DC A 2  ? 0.8267 0.6614 0.6638 -0.0129 -0.0124 0.0386  2  DC C C6    
37  P P     . DG A 3  ? 0.8403 0.6600 0.7037 -0.1154 -0.1521 0.0204  3  DG C P     
38  O OP1   . DG A 3  ? 0.9251 0.7205 0.7824 -0.1474 -0.1974 0.0351  3  DG C OP1   
39  O OP2   . DG A 3  ? 0.8918 0.6820 0.7009 -0.0946 -0.1200 0.0005  3  DG C OP2   
40  O "O5'" . DG A 3  ? 0.6981 0.5949 0.6773 -0.1047 -0.1372 0.0215  3  DG C "O5'" 
41  C "C5'" . DG A 3  ? 0.6957 0.6318 0.7521 -0.1159 -0.1545 0.0416  3  DG C "C5'" 
42  C "C4'" . DG A 3  ? 0.7515 0.7375 0.8862 -0.0969 -0.1290 0.0346  3  DG C "C4'" 
43  O "O4'" . DG A 3  ? 0.6904 0.6796 0.8119 -0.0806 -0.1129 0.0289  3  DG C "O4'" 
44  C "C3'" . DG A 3  ? 0.6284 0.6215 0.7725 -0.0843 -0.1070 0.0159  3  DG C "C3'" 
45  O "O3'" . DG A 3  ? 0.6873 0.7013 0.8919 -0.0910 -0.1090 0.0279  3  DG C "O3'" 
46  C "C2'" . DG A 3  ? 0.5964 0.6079 0.7642 -0.0647 -0.0866 0.0030  3  DG C "C2'" 
47  C "C1'" . DG A 3  ? 0.6316 0.6372 0.7780 -0.0629 -0.0910 0.0121  3  DG C "C1'" 
48  N N9    . DG A 3  ? 0.7206 0.7044 0.8143 -0.0505 -0.0758 0.0046  3  DG C N9    
49  C C8    . DG A 3  ? 0.5952 0.5448 0.6265 -0.0499 -0.0695 -0.0037 3  DG C C8    
50  N N7    . DG A 3  ? 0.6626 0.5997 0.6684 -0.0341 -0.0496 -0.0034 3  DG C N7    
51  C C5    . DG A 3  ? 0.5761 0.5434 0.6338 -0.0257 -0.0463 0.0079  3  DG C C5    
52  C C6    . DG A 3  ? 0.5298 0.5049 0.6058 -0.0088 -0.0286 0.0218  3  DG C C6    
53  O O6    . DG A 3  ? 0.6531 0.6102 0.7036 0.0052  -0.0069 0.0278  3  DG C O6    
54  N N1    . DG A 3  ? 0.5100 0.5181 0.6507 -0.0082 -0.0374 0.0345  3  DG C N1    
55  C C2    . DG A 3  ? 0.5563 0.5834 0.7346 -0.0201 -0.0566 0.0310  3  DG C C2    
56  N N2    . DG A 3  ? 0.5502 0.6029 0.7903 -0.0175 -0.0633 0.0442  3  DG C N2    
57  N N3    . DG A 3  ? 0.5148 0.5362 0.6807 -0.0332 -0.0679 0.0200  3  DG C N3    
58  C C4    . DG A 3  ? 0.5467 0.5399 0.6540 -0.0362 -0.0636 0.0103  3  DG C C4    
59  P P     . DG A 4  ? 0.7356 0.7418 0.9319 -0.0916 -0.1006 0.0237  4  DG C P     
60  O OP1   . DG A 4  ? 0.7952 0.8269 1.0708 -0.1001 -0.1041 0.0513  4  DG C OP1   
61  O OP2   . DG A 4  ? 0.8079 0.7734 0.9260 -0.1009 -0.1151 0.0162  4  DG C OP2   
62  O "O5'" . DG A 4  ? 0.6303 0.6410 0.8182 -0.0678 -0.0676 -0.0011 4  DG C "O5'" 
63  C "C5'" . DG A 4  ? 0.5695 0.5971 0.8037 -0.0541 -0.0484 -0.0038 4  DG C "C5'" 
64  C "C4'" . DG A 4  ? 0.6498 0.6609 0.8457 -0.0376 -0.0296 -0.0291 4  DG C "C4'" 
65  O "O4'" . DG A 4  ? 0.7314 0.7337 0.8912 -0.0371 -0.0412 -0.0391 4  DG C "O4'" 
66  C "C3'" . DG A 4  ? 0.7450 0.7435 0.9078 -0.0346 -0.0165 -0.0351 4  DG C "C3'" 
67  O "O3'" . DG A 4  ? 0.8524 0.8335 0.9957 -0.0190 0.0051  -0.0509 4  DG C "O3'" 
68  C "C2'" . DG A 4  ? 0.7319 0.7167 0.8438 -0.0395 -0.0304 -0.0431 4  DG C "C2'" 
69  C "C1'" . DG A 4  ? 0.6977 0.6834 0.8106 -0.0343 -0.0372 -0.0493 4  DG C "C1'" 
70  N N9    . DG A 4  ? 0.6329 0.6114 0.7186 -0.0366 -0.0458 -0.0457 4  DG C N9    
71  C C8    . DG A 4  ? 0.6191 0.5843 0.6787 -0.0455 -0.0533 -0.0372 4  DG C C8    
72  N N7    . DG A 4  ? 0.5635 0.5132 0.5913 -0.0394 -0.0494 -0.0355 4  DG C N7    
73  C C5    . DG A 4  ? 0.6087 0.5725 0.6603 -0.0282 -0.0431 -0.0378 4  DG C C5    
74  C C6    . DG A 4  ? 0.6442 0.6067 0.6972 -0.0171 -0.0353 -0.0284 4  DG C C6    
75  O O6    . DG A 4  ? 0.5501 0.4957 0.5764 -0.0096 -0.0224 -0.0182 4  DG C O6    
76  N N1    . DG A 4  ? 0.5703 0.5476 0.6597 -0.0138 -0.0429 -0.0283 4  DG C N1    
77  C C2    . DG A 4  ? 0.5831 0.5619 0.6833 -0.0186 -0.0529 -0.0422 4  DG C C2    
78  N N2    . DG A 4  ? 0.5860 0.5620 0.7042 -0.0180 -0.0668 -0.0418 4  DG C N2    
79  N N3    . DG A 4  ? 0.6143 0.5912 0.7074 -0.0232 -0.0491 -0.0523 4  DG C N3    
80  C C4    . DG A 4  ? 0.5929 0.5688 0.6718 -0.0287 -0.0457 -0.0465 4  DG C C4    
81  P P     . DC A 5  ? 0.8347 0.8026 0.9533 -0.0108 0.0299  -0.0512 5  DC C P     
82  O OP1   . DC A 5  ? 0.8692 0.8331 1.0192 0.0044  0.0625  -0.0442 5  DC C OP1   
83  O OP2   . DC A 5  ? 0.7886 0.7691 0.9109 -0.0238 0.0187  -0.0370 5  DC C OP2   
84  O "O5'" . DC A 5  ? 0.7386 0.6739 0.7869 -0.0053 0.0262  -0.0745 5  DC C "O5'" 
85  C "C5'" . DC A 5  ? 0.7713 0.6783 0.7967 0.0019  0.0237  -0.0914 5  DC C "C5'" 
86  C "C4'" . DC A 5  ? 0.7971 0.6825 0.7737 -0.0037 -0.0006 -0.1025 5  DC C "C4'" 
87  O "O4'" . DC A 5  ? 0.8444 0.7564 0.8536 -0.0127 -0.0241 -0.0936 5  DC C "O4'" 
88  C "C3'" . DC A 5  ? 0.8908 0.7691 0.8272 -0.0057 0.0025  -0.1005 5  DC C "C3'" 
89  O "O3'" . DC A 5  ? 0.9523 0.7867 0.8280 0.0032  0.0185  -0.1117 5  DC C "O3'" 
90  C "C2'" . DC A 5  ? 0.7215 0.6027 0.6537 -0.0149 -0.0277 -0.0974 5  DC C "C2'" 
91  C "C1'" . DC A 5  ? 0.8166 0.7237 0.8011 -0.0174 -0.0383 -0.0906 5  DC C "C1'" 
92  N N1    . DC A 5  ? 0.7653 0.6984 0.7722 -0.0207 -0.0378 -0.0772 5  DC C N1    
93  C C2    . DC A 5  ? 0.6350 0.5756 0.6574 -0.0210 -0.0494 -0.0660 5  DC C C2    
94  O O2    . DC A 5  ? 0.6515 0.5859 0.6838 -0.0219 -0.0663 -0.0630 5  DC C O2    
95  N N3    . DC A 5  ? 0.6605 0.6083 0.6849 -0.0197 -0.0412 -0.0560 5  DC C N3    
96  C C4    . DC A 5  ? 0.5754 0.5200 0.5845 -0.0235 -0.0330 -0.0585 5  DC C C4    
97  N N4    . DC A 5  ? 0.6929 0.6261 0.6846 -0.0232 -0.0283 -0.0518 5  DC C N4    
98  C C5    . DC A 5  ? 0.6452 0.5917 0.6557 -0.0274 -0.0284 -0.0645 5  DC C C5    
99  C C6    . DC A 5  ? 0.6627 0.6051 0.6735 -0.0231 -0.0257 -0.0730 5  DC C C6    
100 P P     . DI A 6  ? 0.9487 0.7794 0.7957 0.0089  0.0449  -0.1035 6  DI C P     
101 O OP1   . DI A 6  ? 0.9754 0.7523 0.7583 0.0253  0.0753  -0.1145 6  DI C OP1   
102 O OP2   . DI A 6  ? 0.8835 0.7625 0.7981 0.0056  0.0555  -0.0834 6  DI C OP2   
103 O "O5'" . DI A 6  ? 0.8403 0.6635 0.6497 -0.0028 0.0167  -0.1023 6  DI C "O5'" 
104 C "C5'" . DI A 6  ? 0.9709 0.7479 0.7191 -0.0078 -0.0087 -0.1134 6  DI C "C5'" 
105 C "C4'" . DI A 6  ? 1.0424 0.8268 0.7826 -0.0200 -0.0348 -0.1007 6  DI C "C4'" 
106 O "O4'" . DI A 6  ? 1.0143 0.8437 0.8243 -0.0254 -0.0475 -0.0881 6  DI C "O4'" 
107 C "C3'" . DI A 6  ? 0.9912 0.7811 0.7112 -0.0164 -0.0123 -0.0910 6  DI C "C3'" 
108 O "O3'" . DI A 6  ? 0.9466 0.7056 0.6118 -0.0258 -0.0368 -0.0859 6  DI C "O3'" 
109 C "C2'" . DI A 6  ? 0.8294 0.6694 0.6181 -0.0199 -0.0102 -0.0767 6  DI C "C2'" 
110 C "C1'" . DI A 6  ? 0.8821 0.7367 0.7106 -0.0256 -0.0356 -0.0755 6  DI C "C1'" 
111 N N9    . DI A 6  ? 0.7442 0.6307 0.6250 -0.0239 -0.0256 -0.0718 6  DI C N9    
112 C C8    . DI A 6  ? 0.6952 0.5933 0.5962 -0.0207 -0.0084 -0.0747 6  DI C C8    
113 N N7    . DI A 6  ? 0.6606 0.5766 0.5950 -0.0243 -0.0120 -0.0690 6  DI C N7    
114 C C5    . DI A 6  ? 0.7619 0.6763 0.6960 -0.0248 -0.0225 -0.0635 6  DI C C5    
115 C C6    . DI A 6  ? 0.6854 0.6008 0.6323 -0.0233 -0.0226 -0.0559 6  DI C C6    
116 O O6    . DI A 6  ? 0.6556 0.5693 0.6050 -0.0257 -0.0197 -0.0566 6  DI C O6    
117 N N1    . DI A 6  ? 0.6332 0.5457 0.5863 -0.0189 -0.0250 -0.0448 6  DI C N1    
118 C C2    . DI A 6  ? 0.6946 0.6061 0.6460 -0.0211 -0.0373 -0.0390 6  DI C C2    
119 N N3    . DI A 6  ? 0.7051 0.6075 0.6287 -0.0261 -0.0448 -0.0488 6  DI C N3    
120 C C4    . DI A 6  ? 0.7534 0.6546 0.6642 -0.0253 -0.0328 -0.0623 6  DI C C4    
121 P P     . DC A 7  ? 1.1169 0.8611 0.7313 -0.0225 -0.0175 -0.0762 7  DC C P     
122 O OP1   . DC A 7  ? 1.3391 1.0211 0.8602 -0.0312 -0.0447 -0.0799 7  DC C OP1   
123 O OP2   . DC A 7  ? 1.1581 0.9129 0.7825 -0.0058 0.0308  -0.0764 7  DC C OP2   
124 O "O5'" . DC A 7  ? 1.0633 0.8543 0.7400 -0.0308 -0.0288 -0.0551 7  DC C "O5'" 
125 C "C5'" . DC A 7  ? 0.8405 0.6418 0.5502 -0.0423 -0.0648 -0.0444 7  DC C "C5'" 
126 C "C4'" . DC A 7  ? 0.7850 0.6261 0.5590 -0.0416 -0.0574 -0.0283 7  DC C "C4'" 
127 O "O4'" . DC A 7  ? 0.7793 0.6443 0.6039 -0.0360 -0.0473 -0.0348 7  DC C "O4'" 
128 C "C3'" . DC A 7  ? 0.8282 0.6789 0.5993 -0.0372 -0.0311 -0.0225 7  DC C "C3'" 
129 O "O3'" . DC A 7  ? 0.9923 0.8306 0.7334 -0.0434 -0.0417 -0.0064 7  DC C "O3'" 
130 C "C2'" . DC A 7  ? 0.7628 0.6396 0.5940 -0.0355 -0.0240 -0.0178 7  DC C "C2'" 
131 C "C1'" . DC A 7  ? 0.7968 0.6787 0.6522 -0.0335 -0.0322 -0.0271 7  DC C "C1'" 
132 N N1    . DC A 7  ? 0.7314 0.6233 0.6058 -0.0300 -0.0172 -0.0381 7  DC C N1    
133 C C2    . DC A 7  ? 0.8659 0.7618 0.7672 -0.0279 -0.0169 -0.0376 7  DC C C2    
134 O O2    . DC A 7  ? 0.6877 0.5815 0.6035 -0.0246 -0.0207 -0.0268 7  DC C O2    
135 N N3    . DC A 7  ? 0.6919 0.5901 0.6018 -0.0291 -0.0112 -0.0450 7  DC C N3    
136 C C4    . DC A 7  ? 0.7871 0.6926 0.6987 -0.0315 -0.0050 -0.0482 7  DC C C4    
137 N N4    . DC A 7  ? 0.6027 0.5127 0.5335 -0.0359 -0.0059 -0.0487 7  DC C N4    
138 C C5    . DC A 7  ? 0.6890 0.5931 0.5816 -0.0286 0.0042  -0.0471 7  DC C C5    
139 C C6    . DC A 7  ? 0.7310 0.6237 0.5955 -0.0283 -0.0029 -0.0444 7  DC C C6    
140 P P     . DC A 8  ? 1.0112 0.8422 0.7151 -0.0389 -0.0160 0.0011  8  DC C P     
141 O OP1   . DC A 8  ? 1.1632 0.9643 0.8062 -0.0470 -0.0358 0.0136  8  DC C OP1   
142 O OP2   . DC A 8  ? 1.0713 0.8977 0.7615 -0.0272 0.0149  -0.0125 8  DC C OP2   
143 O "O5'" . DC A 8  ? 0.8507 0.7137 0.6185 -0.0392 -0.0058 0.0157  8  DC C "O5'" 
144 C "C5'" . DC A 8  ? 0.7813 0.6519 0.5831 -0.0448 -0.0237 0.0304  8  DC C "C5'" 
145 C "C4'" . DC A 8  ? 0.8001 0.6840 0.6504 -0.0429 -0.0107 0.0349  8  DC C "C4'" 
146 O "O4'" . DC A 8  ? 0.7186 0.6038 0.5906 -0.0394 -0.0073 0.0182  8  DC C "O4'" 
147 C "C3'" . DC A 8  ? 0.7760 0.6661 0.6280 -0.0427 0.0080  0.0422  8  DC C "C3'" 
148 O "O3'" . DC A 8  ? 0.8505 0.7414 0.7015 -0.0462 0.0066  0.0646  8  DC C "O3'" 
149 C "C2'" . DC A 8  ? 0.6809 0.5720 0.5735 -0.0446 0.0100  0.0361  8  DC C "C2'" 
150 C "C1'" . DC A 8  ? 0.7772 0.6614 0.6696 -0.0413 0.0021  0.0179  8  DC C "C1'" 
151 N N1    . DC A 8  ? 0.8195 0.7080 0.7156 -0.0413 0.0058  0.0038  8  DC C N1    
152 C C2    . DC A 8  ? 0.7559 0.6313 0.6661 -0.0453 0.0008  -0.0028 8  DC C C2    
153 O O2    . DC A 8  ? 0.7047 0.5571 0.6145 -0.0465 -0.0027 -0.0005 8  DC C O2    
154 N N3    . DC A 8  ? 0.7138 0.5949 0.6319 -0.0480 -0.0008 -0.0105 8  DC C N3    
155 C C4    . DC A 8  ? 0.6999 0.5998 0.6187 -0.0435 0.0082  -0.0126 8  DC C C4    
156 N N4    . DC A 8  ? 0.6616 0.5692 0.5992 -0.0457 0.0073  -0.0162 8  DC C N4    
157 C C5    . DC A 8  ? 0.6291 0.5324 0.5225 -0.0367 0.0178  -0.0103 8  DC C C5    
158 C C6    . DC A 8  ? 0.7398 0.6365 0.6193 -0.0375 0.0132  -0.0018 8  DC C C6    
159 P P     . DG A 9  ? 0.8779 0.7747 0.7144 -0.0443 0.0274  0.0828  9  DG C P     
160 O OP1   . DG A 9  ? 0.8860 0.7760 0.6932 -0.0482 0.0187  0.1032  9  DG C OP1   
161 O OP2   . DG A 9  ? 0.8365 0.7304 0.6454 -0.0356 0.0482  0.0719  9  DG C OP2   
162 O "O5'" . DG A 9  ? 0.7845 0.6932 0.6832 -0.0488 0.0315  0.0944  9  DG C "O5'" 
163 C "C5'" . DG A 9  ? 0.7722 0.6747 0.7002 -0.0546 0.0185  0.1049  9  DG C "C5'" 
164 C "C4'" . DG A 9  ? 0.7488 0.6420 0.7191 -0.0612 0.0136  0.1039  9  DG C "C4'" 
165 O "O4'" . DG A 9  ? 0.8137 0.6952 0.7771 -0.0608 0.0081  0.0788  9  DG C "O4'" 
166 C "C3'" . DG A 9  ? 0.9040 0.8148 0.9081 -0.0661 0.0228  0.1268  9  DG C "C3'" 
167 O "O3'" . DG A 9  ? 1.0907 0.9973 1.1280 -0.0735 0.0159  0.1502  9  DG C "O3'" 
168 C "C2'" . DG A 9  ? 0.8772 0.7807 0.9049 -0.0734 0.0125  0.1157  9  DG C "C2'" 
169 C "C1'" . DG A 9  ? 0.8949 0.7775 0.8859 -0.0692 0.0043  0.0827  9  DG C "C1'" 
170 N N9    . DG A 9  ? 0.8428 0.7389 0.8248 -0.0647 0.0111  0.0697  9  DG C N9    
171 C C8    . DG A 9  ? 0.7535 0.6707 0.7194 -0.0543 0.0320  0.0720  9  DG C C8    
172 N N7    . DG A 9  ? 0.7895 0.7108 0.7546 -0.0513 0.0349  0.0584  9  DG C N7    
173 C C5    . DG A 9  ? 0.8058 0.7109 0.7855 -0.0617 0.0125  0.0478  9  DG C C5    
174 C C6    . DG A 9  ? 0.7706 0.6716 0.7547 -0.0652 0.0028  0.0342  9  DG C C6    
175 O O6    . DG A 9  ? 0.6373 0.5542 0.6254 -0.0589 0.0131  0.0293  9  DG C O6    
176 N N1    . DG A 9  ? 0.7710 0.6386 0.7478 -0.0766 -0.0206 0.0266  9  DG C N1    
177 C C2    . DG A 9  ? 0.7166 0.5531 0.6831 -0.0822 -0.0307 0.0293  9  DG C C2    
178 N N2    . DG A 9  ? 0.7156 0.5030 0.6550 -0.0911 -0.0505 0.0175  9  DG C N2    
179 N N3    . DG A 9  ? 0.7478 0.5932 0.7228 -0.0786 -0.0214 0.0429  9  DG C N3    
180 C C4    . DG A 9  ? 0.7017 0.5846 0.6838 -0.0693 -0.0012 0.0526  9  DG C C4    
181 P P     . DA A 10 ? 1.2364 1.1699 1.3194 -0.0767 0.0288  0.1896  10 DA C P     
182 O OP1   . DA A 10 ? 1.2434 1.1748 1.3422 -0.0804 0.0241  0.2120  10 DA C OP1   
183 O OP2   . DA A 10 ? 1.1186 1.0758 1.1773 -0.0632 0.0596  0.1958  10 DA C OP2   
184 O "O5'" . DA A 10 ? 1.1376 1.0611 1.2762 -0.0923 0.0076  0.1952  10 DA C "O5'" 
185 C "C5'" . DA A 10 ? 1.0569 0.9369 1.2040 -0.1067 -0.0239 0.1859  10 DA C "C5'" 
186 C "C4'" . DA A 10 ? 0.9842 0.8452 1.1656 -0.1255 -0.0525 0.1899  10 DA C "C4'" 
187 O "O4'" . DA A 10 ? 0.9936 0.8785 1.1721 -0.1203 -0.0421 0.1816  10 DA C "O4'" 
188 C "C3'" . DA A 10 ? 1.0931 0.9724 1.3563 -0.1411 -0.0652 0.2368  10 DA C "C3'" 
189 O "O3'" . DA A 10 ? 1.1192 0.9401 1.3910 -0.1653 -0.1112 0.2348  10 DA C "O3'" 
190 C "C2'" . DA A 10 ? 0.9383 0.8606 1.2492 -0.1403 -0.0533 0.2586  10 DA C "C2'" 
191 C "C1'" . DA A 10 ? 0.9429 0.8456 1.1929 -0.1352 -0.0562 0.2150  10 DA C "C1'" 
192 N N9    . DA A 10 ? 0.9696 0.9156 1.2356 -0.1210 -0.0257 0.2221  10 DA C N9    
193 C C8    . DA A 10 ? 0.9769 0.9619 1.2420 -0.0983 0.0218  0.2374  10 DA C C8    
194 N N7    . DA A 10 ? 0.8832 0.8900 1.1583 -0.0866 0.0454  0.2388  10 DA C N7    
195 C C5    . DA A 10 ? 0.8881 0.8776 1.1806 -0.1050 0.0076  0.2264  10 DA C C5    
196 C C6    . DA A 10 ? 0.8979 0.8990 1.2136 -0.1052 0.0068  0.2248  10 DA C C6    
197 N N6    . DA A 10 ? 0.8187 0.8501 1.1470 -0.0828 0.0517  0.2339  10 DA C N6    
198 N N1    . DA A 10 ? 0.9134 0.8853 1.2318 -0.1289 -0.0410 0.2138  10 DA C N1    
199 C C2    . DA A 10 ? 0.8204 0.7450 1.1091 -0.1487 -0.0815 0.2017  10 DA C C2    
200 N N3    . DA A 10 ? 0.9358 0.8428 1.2043 -0.1482 -0.0816 0.2004  10 DA C N3    
201 C C4    . DA A 10 ? 0.9482 0.8956 1.2264 -0.1266 -0.0370 0.2150  10 DA C C4    
# 
